data_5T7G
#
_entry.id   5T7G
#
_cell.length_a   50.243
_cell.length_b   120.496
_cell.length_c   143.740
_cell.angle_alpha   90.00
_cell.angle_beta   90.00
_cell.angle_gamma   90.00
#
_symmetry.space_group_name_H-M   'P 21 21 21'
#
loop_
_entity.id
_entity.type
_entity.pdbx_description
1 polymer 'H-2 class I histocompatibility antigen, D-D alpha chain'
2 polymer Beta-2-microglobulin
3 polymer 'Peptide (PT9) of HIV gp120 MN isolate (IGPGRAFYT)'
4 non-polymer 1,2-ETHANEDIOL
5 water water
#
loop_
_entity_poly.entity_id
_entity_poly.type
_entity_poly.pdbx_seq_one_letter_code
_entity_poly.pdbx_strand_id
1 'polypeptide(L)'
;SHSLRYFVTAVSRPGFGEPRYMEVGYVDNTEFVRFDSDAENPRYEPRARWIEQEGPEYWERETRRAKGNEQSFRVDLRTA
LRYYNQSAGGSHTLQWMAGCDVESDGRLLRGYWQFAYDGCDYIALNEDLKTWTAADMAAQITRRKWEQAGAAERDRAYLE
GECVEWLRRYLKNGNATLLRTDPPKAHVTHHRRPEGDVTLRCWALGFYPADITLTWQLNGEELTQEMELVETRPAGDGTF
QKWASVVVPLGKEQKYTCHVEHEGLPEPLTLRWGK
;
A,C
2 'polypeptide(L)'
;MIQKTPQIQVYSRHPPENGKPNILNCYVTQFHPPHIEIQMLKNGKKIPKVEMSDMSFSKDWSFYILAHTEFTPTETDTYA
CRVKHASMAEPKTVYWDRDM
;
B,D
3 'polypeptide(L)' IGPGRAFYT P,Q
#
# COMPACT_ATOMS: atom_id res chain seq x y z
N SER A 1 4.62 1.48 28.93
CA SER A 1 5.30 2.49 28.15
C SER A 1 4.35 3.60 27.69
N HIS A 2 4.90 4.78 27.44
CA HIS A 2 4.11 5.92 27.01
C HIS A 2 4.78 6.58 25.82
N SER A 3 4.05 7.42 25.09
CA SER A 3 4.64 8.10 23.94
C SER A 3 4.17 9.54 23.83
N LEU A 4 5.04 10.36 23.26
CA LEU A 4 4.75 11.72 22.83
C LEU A 4 5.06 11.79 21.34
N ARG A 5 4.07 12.16 20.54
CA ARG A 5 4.24 12.16 19.09
C ARG A 5 3.62 13.42 18.49
N TYR A 6 4.25 13.93 17.44
CA TYR A 6 3.74 15.08 16.70
C TYR A 6 3.51 14.64 15.27
N PHE A 7 2.35 15.01 14.72
CA PHE A 7 1.96 14.60 13.38
C PHE A 7 1.80 15.85 12.54
N VAL A 8 2.61 15.99 11.50
CA VAL A 8 2.70 17.24 10.74
C VAL A 8 2.34 17.00 9.27
N THR A 9 1.50 17.88 8.72
CA THR A 9 1.11 17.77 7.30
C THR A 9 1.16 19.13 6.62
N ALA A 10 1.78 19.18 5.44
CA ALA A 10 1.74 20.34 4.56
C ALA A 10 1.16 19.90 3.22
N VAL A 11 0.12 20.60 2.76
CA VAL A 11 -0.57 20.28 1.51
C VAL A 11 -0.61 21.53 0.65
N SER A 12 -0.05 21.45 -0.55
CA SER A 12 -0.06 22.60 -1.44
C SER A 12 -1.39 22.67 -2.18
N ARG A 13 -1.76 23.89 -2.56
CA ARG A 13 -3.01 24.13 -3.30
C ARG A 13 -2.73 25.25 -4.30
N PRO A 14 -2.15 24.91 -5.45
CA PRO A 14 -1.86 25.94 -6.45
C PRO A 14 -3.13 26.67 -6.85
N GLY A 15 -3.02 28.00 -6.93
CA GLY A 15 -4.13 28.85 -7.25
C GLY A 15 -4.93 29.30 -6.04
N PHE A 16 -4.88 28.55 -4.94
CA PHE A 16 -5.51 28.94 -3.68
C PHE A 16 -4.47 29.22 -2.62
N GLY A 17 -3.40 29.92 -2.99
CA GLY A 17 -2.52 30.53 -2.02
C GLY A 17 -1.46 29.57 -1.50
N GLU A 18 -0.96 29.91 -0.31
CA GLU A 18 0.11 29.15 0.30
C GLU A 18 -0.40 27.79 0.78
N PRO A 19 0.49 26.80 0.90
CA PRO A 19 0.04 25.48 1.32
C PRO A 19 -0.49 25.52 2.74
N ARG A 20 -1.38 24.58 3.03
CA ARG A 20 -1.91 24.43 4.38
C ARG A 20 -0.93 23.64 5.24
N TYR A 21 -0.63 24.17 6.41
CA TYR A 21 0.32 23.55 7.32
C TYR A 21 -0.37 23.27 8.64
N MET A 22 -0.27 22.02 9.11
CA MET A 22 -0.92 21.58 10.33
C MET A 22 0.04 20.71 11.15
N GLU A 23 -0.09 20.85 12.47
CA GLU A 23 0.62 20.04 13.45
C GLU A 23 -0.40 19.58 14.47
N VAL A 24 -0.31 18.32 14.89
CA VAL A 24 -1.13 17.80 15.98
C VAL A 24 -0.23 16.99 16.90
N GLY A 25 -0.34 17.23 18.20
CA GLY A 25 0.49 16.56 19.19
C GLY A 25 -0.36 15.61 20.01
N TYR A 26 0.21 14.46 20.34
CA TYR A 26 -0.47 13.43 21.09
C TYR A 26 0.42 12.95 22.21
N VAL A 27 -0.22 12.61 23.34
CA VAL A 27 0.36 11.76 24.38
C VAL A 27 -0.48 10.49 24.40
N ASP A 28 0.19 9.35 24.19
CA ASP A 28 -0.47 8.08 23.89
C ASP A 28 -1.63 8.27 22.90
N ASN A 29 -2.87 8.04 23.33
CA ASN A 29 -4.03 8.14 22.45
C ASN A 29 -4.83 9.41 22.69
N THR A 30 -4.20 10.46 23.22
CA THR A 30 -4.91 11.70 23.52
C THR A 30 -4.25 12.87 22.83
N GLU A 31 -5.04 13.59 22.04
CA GLU A 31 -4.53 14.78 21.38
C GLU A 31 -4.53 15.90 22.40
N PHE A 32 -3.44 16.68 22.44
CA PHE A 32 -3.41 17.77 23.41
C PHE A 32 -3.05 19.12 22.82
N VAL A 33 -2.48 19.18 21.61
CA VAL A 33 -2.14 20.44 20.96
C VAL A 33 -2.37 20.33 19.46
N ARG A 34 -2.60 21.49 18.82
CA ARG A 34 -2.79 21.55 17.39
C ARG A 34 -2.39 22.93 16.88
N PHE A 35 -2.00 22.98 15.61
CA PHE A 35 -1.76 24.22 14.91
C PHE A 35 -2.31 24.07 13.51
N ASP A 36 -2.91 25.14 12.98
CA ASP A 36 -3.53 25.10 11.66
C ASP A 36 -3.29 26.45 10.99
N SER A 37 -2.57 26.43 9.87
CA SER A 37 -2.28 27.69 9.18
C SER A 37 -3.53 28.36 8.62
N ASP A 38 -4.60 27.60 8.37
CA ASP A 38 -5.79 28.21 7.82
C ASP A 38 -6.61 28.97 8.86
N ALA A 39 -6.36 28.74 10.15
CA ALA A 39 -7.10 29.41 11.21
C ALA A 39 -6.78 30.91 11.23
N GLU A 40 -7.58 31.65 11.99
CA GLU A 40 -7.40 33.09 12.13
C GLU A 40 -6.52 33.35 13.35
N ASN A 41 -5.51 34.22 13.17
CA ASN A 41 -4.41 34.35 14.11
C ASN A 41 -3.82 32.98 14.40
N PRO A 42 -3.19 32.33 13.42
CA PRO A 42 -2.74 30.95 13.62
C PRO A 42 -1.75 30.85 14.78
N ARG A 43 -2.08 29.97 15.71
CA ARG A 43 -1.42 29.89 17.01
C ARG A 43 -1.41 28.43 17.43
N TYR A 44 -0.32 27.99 18.06
CA TYR A 44 -0.38 26.70 18.72
C TYR A 44 -1.48 26.79 19.78
N GLU A 45 -2.35 25.76 19.86
CA GLU A 45 -3.52 25.86 20.73
C GLU A 45 -3.70 24.62 21.61
N PRO A 46 -4.15 24.81 22.85
CA PRO A 46 -4.65 23.68 23.65
C PRO A 46 -5.74 22.87 22.96
N ARG A 47 -5.64 21.54 23.10
CA ARG A 47 -6.74 20.63 22.82
C ARG A 47 -6.91 19.61 23.94
N ALA A 48 -6.27 19.84 25.07
CA ALA A 48 -6.55 19.10 26.28
C ALA A 48 -6.52 20.08 27.43
N ARG A 49 -7.26 19.78 28.48
CA ARG A 49 -7.41 20.79 29.51
C ARG A 49 -6.19 20.84 30.41
N TRP A 50 -5.49 19.73 30.56
CA TRP A 50 -4.29 19.71 31.40
C TRP A 50 -3.16 20.53 30.81
N ILE A 51 -3.14 20.73 29.50
CA ILE A 51 -2.05 21.52 28.92
C ILE A 51 -2.30 23.02 29.04
N GLU A 52 -3.54 23.43 29.29
CA GLU A 52 -3.80 24.87 29.30
C GLU A 52 -3.19 25.54 30.52
N GLN A 53 -2.65 24.75 31.45
CA GLN A 53 -1.93 25.29 32.58
C GLN A 53 -0.63 25.99 32.16
N GLU A 54 -0.11 25.75 30.96
CA GLU A 54 1.19 26.30 30.63
C GLU A 54 1.09 27.79 30.33
N GLY A 55 2.13 28.53 30.75
CA GLY A 55 2.12 29.96 30.65
C GLY A 55 2.25 30.43 29.22
N PRO A 56 2.22 31.74 29.02
CA PRO A 56 2.24 32.26 27.64
C PRO A 56 3.54 31.96 26.90
N GLU A 57 4.66 31.74 27.60
CA GLU A 57 5.92 31.41 26.94
C GLU A 57 5.86 30.08 26.21
N TYR A 58 5.22 29.09 26.82
CA TYR A 58 5.07 27.80 26.16
C TYR A 58 4.35 28.00 24.84
N TRP A 59 3.26 28.77 24.85
CA TRP A 59 2.48 28.96 23.64
C TRP A 59 3.21 29.86 22.64
N GLU A 60 3.86 30.93 23.12
CA GLU A 60 4.67 31.76 22.24
C GLU A 60 5.74 30.95 21.54
N ARG A 61 6.43 30.11 22.30
CA ARG A 61 7.56 29.35 21.78
C ARG A 61 7.11 28.27 20.82
N GLU A 62 5.97 27.65 21.10
CA GLU A 62 5.49 26.63 20.18
C GLU A 62 4.88 27.22 18.93
N THR A 63 4.32 28.42 19.02
CA THR A 63 3.83 29.08 17.81
C THR A 63 5.00 29.52 16.93
N ARG A 64 6.10 29.95 17.55
CA ARG A 64 7.32 30.26 16.79
C ARG A 64 7.85 29.02 16.09
N ARG A 65 7.90 27.89 16.79
CA ARG A 65 8.54 26.75 16.17
C ARG A 65 7.67 26.18 15.06
N ALA A 66 6.35 26.21 15.23
CA ALA A 66 5.44 25.78 14.17
C ALA A 66 5.56 26.68 12.95
N LYS A 67 5.63 28.00 13.17
CA LYS A 67 5.70 28.92 12.03
C LYS A 67 7.02 28.77 11.27
N GLY A 68 8.11 28.52 12.00
CA GLY A 68 9.36 28.20 11.33
C GLY A 68 9.30 26.88 10.56
N ASN A 69 8.69 25.85 11.17
CA ASN A 69 8.50 24.59 10.47
C ASN A 69 7.71 24.79 9.18
N GLU A 70 6.64 25.60 9.26
CA GLU A 70 5.81 25.89 8.10
C GLU A 70 6.62 26.42 6.92
N GLN A 71 7.55 27.33 7.20
CA GLN A 71 8.37 27.88 6.11
C GLN A 71 9.26 26.80 5.51
N SER A 72 9.81 25.92 6.35
CA SER A 72 10.62 24.82 5.84
C SER A 72 9.82 23.92 4.93
N PHE A 73 8.58 23.59 5.30
CA PHE A 73 7.79 22.71 4.47
C PHE A 73 7.38 23.38 3.15
N ARG A 74 7.19 24.71 3.15
CA ARG A 74 6.96 25.40 1.87
C ARG A 74 8.12 25.17 0.92
N VAL A 75 9.34 25.22 1.44
CA VAL A 75 10.50 25.03 0.57
C VAL A 75 10.62 23.58 0.17
N ASP A 76 10.35 22.66 1.11
CA ASP A 76 10.42 21.24 0.82
C ASP A 76 9.43 20.81 -0.27
N LEU A 77 8.23 21.39 -0.28
CA LEU A 77 7.28 21.03 -1.32
C LEU A 77 7.77 21.43 -2.71
N ARG A 78 8.37 22.62 -2.85
CA ARG A 78 8.89 22.97 -4.16
C ARG A 78 10.14 22.18 -4.49
N THR A 79 10.94 21.80 -3.49
CA THR A 79 12.08 20.95 -3.79
C THR A 79 11.60 19.61 -4.35
N ALA A 80 10.51 19.07 -3.80
CA ALA A 80 9.96 17.82 -4.29
C ALA A 80 9.59 17.94 -5.77
N LEU A 81 9.03 19.10 -6.17
CA LEU A 81 8.64 19.28 -7.56
C LEU A 81 9.84 19.24 -8.50
N ARG A 82 11.00 19.72 -8.04
CA ARG A 82 12.20 19.61 -8.86
C ARG A 82 12.74 18.19 -8.84
N TYR A 83 12.74 17.53 -7.68
CA TYR A 83 13.26 16.17 -7.61
C TYR A 83 12.47 15.24 -8.53
N TYR A 84 11.14 15.40 -8.58
CA TYR A 84 10.25 14.51 -9.32
C TYR A 84 9.75 15.10 -10.64
N ASN A 85 10.23 16.27 -11.03
CA ASN A 85 9.85 16.91 -12.30
C ASN A 85 8.33 17.02 -12.44
N GLN A 86 7.68 17.56 -11.42
CA GLN A 86 6.23 17.71 -11.42
C GLN A 86 5.85 19.16 -11.66
N SER A 87 4.76 19.37 -12.41
CA SER A 87 4.23 20.71 -12.62
C SER A 87 3.85 21.36 -11.29
N ALA A 88 4.04 22.67 -11.23
CA ALA A 88 3.59 23.46 -10.09
C ALA A 88 2.08 23.58 -9.99
N GLY A 89 1.31 23.00 -10.92
CA GLY A 89 -0.14 23.14 -10.89
C GLY A 89 -0.86 22.19 -9.95
N GLY A 90 -0.28 21.03 -9.67
CA GLY A 90 -0.96 20.03 -8.89
C GLY A 90 -0.76 20.16 -7.39
N SER A 91 -1.66 19.54 -6.64
CA SER A 91 -1.55 19.53 -5.18
C SER A 91 -0.75 18.32 -4.71
N HIS A 92 0.06 18.53 -3.69
CA HIS A 92 0.90 17.47 -3.16
C HIS A 92 0.93 17.62 -1.65
N THR A 93 1.27 16.52 -0.97
CA THR A 93 1.22 16.44 0.49
C THR A 93 2.53 15.90 1.00
N LEU A 94 3.07 16.58 1.99
CA LEU A 94 4.28 16.16 2.67
C LEU A 94 3.95 15.95 4.14
N GLN A 95 4.33 14.81 4.69
CA GLN A 95 3.96 14.44 6.06
C GLN A 95 5.21 14.14 6.85
N TRP A 96 5.13 14.40 8.15
CA TRP A 96 6.25 14.21 9.05
C TRP A 96 5.73 13.73 10.39
N MET A 97 6.37 12.71 10.95
CA MET A 97 6.02 12.18 12.26
C MET A 97 7.29 12.06 13.09
N ALA A 98 7.28 12.65 14.28
CA ALA A 98 8.42 12.57 15.18
C ALA A 98 7.91 12.44 16.62
N GLY A 99 8.66 11.71 17.43
CA GLY A 99 8.26 11.50 18.80
C GLY A 99 9.04 10.39 19.44
N CYS A 100 8.68 10.08 20.69
CA CYS A 100 9.48 9.14 21.47
C CYS A 100 8.58 8.17 22.24
N ASP A 101 9.04 6.92 22.36
CA ASP A 101 8.44 5.93 23.25
C ASP A 101 9.36 5.71 24.44
N VAL A 102 8.82 5.82 25.65
CA VAL A 102 9.60 5.80 26.88
C VAL A 102 9.07 4.70 27.79
N GLU A 103 9.96 3.88 28.34
CA GLU A 103 9.46 2.99 29.38
C GLU A 103 9.17 3.83 30.62
N SER A 104 8.52 3.23 31.61
CA SER A 104 8.10 4.04 32.75
C SER A 104 9.18 4.17 33.80
N ASP A 105 10.45 4.00 33.45
CA ASP A 105 11.57 4.43 34.27
C ASP A 105 12.26 5.64 33.66
N GLY A 106 11.56 6.35 32.76
CA GLY A 106 12.13 7.49 32.09
C GLY A 106 13.14 7.15 31.03
N ARG A 107 13.29 5.89 30.67
CA ARG A 107 14.28 5.46 29.70
C ARG A 107 13.66 5.35 28.31
N LEU A 108 14.31 5.99 27.33
CA LEU A 108 13.84 5.94 25.96
C LEU A 108 13.82 4.50 25.46
N LEU A 109 12.84 4.20 24.61
CA LEU A 109 12.74 2.89 24.00
C LEU A 109 12.74 2.93 22.48
N ARG A 110 12.31 4.04 21.88
CA ARG A 110 12.42 4.20 20.44
C ARG A 110 12.13 5.66 20.11
N GLY A 111 12.93 6.23 19.23
CA GLY A 111 12.68 7.56 18.69
C GLY A 111 12.22 7.41 17.26
N TYR A 112 11.38 8.34 16.82
CA TYR A 112 10.88 8.37 15.45
C TYR A 112 11.12 9.75 14.86
N TRP A 113 11.46 9.77 13.57
CA TRP A 113 11.66 11.01 12.83
C TRP A 113 11.61 10.62 11.35
N GLN A 114 10.41 10.72 10.75
CA GLN A 114 10.21 10.13 9.44
C GLN A 114 9.25 10.97 8.62
N PHE A 115 9.35 10.82 7.29
CA PHE A 115 8.61 11.64 6.34
C PHE A 115 7.98 10.78 5.26
N ALA A 116 6.94 11.31 4.64
CA ALA A 116 6.29 10.70 3.50
C ALA A 116 5.91 11.78 2.50
N TYR A 117 5.94 11.45 1.21
CA TYR A 117 5.55 12.37 0.16
C TYR A 117 4.47 11.72 -0.70
N ASP A 118 3.39 12.47 -0.94
CA ASP A 118 2.18 11.97 -1.59
C ASP A 118 1.83 10.53 -1.18
N GLY A 119 1.85 10.30 0.12
CA GLY A 119 1.35 9.06 0.70
C GLY A 119 2.34 7.91 0.75
N CYS A 120 3.57 8.08 0.29
CA CYS A 120 4.55 7.00 0.33
C CYS A 120 5.76 7.41 1.16
N ASP A 121 6.33 6.42 1.88
CA ASP A 121 7.55 6.60 2.64
C ASP A 121 8.57 7.38 1.82
N TYR A 122 9.21 8.35 2.46
CA TYR A 122 10.27 9.11 1.80
C TYR A 122 11.59 8.87 2.51
N ILE A 123 11.74 9.30 3.76
CA ILE A 123 12.96 9.02 4.52
C ILE A 123 12.58 8.87 5.99
N ALA A 124 13.32 8.01 6.69
CA ALA A 124 13.04 7.78 8.10
C ALA A 124 14.34 7.61 8.85
N LEU A 125 14.40 8.13 10.07
CA LEU A 125 15.58 7.90 10.87
C LEU A 125 15.51 6.50 11.48
N ASN A 126 16.62 5.78 11.41
CA ASN A 126 16.59 4.38 11.84
C ASN A 126 16.63 4.34 13.36
N GLU A 127 16.50 3.14 13.89
CA GLU A 127 16.25 3.06 15.31
C GLU A 127 17.53 3.26 16.12
N ASP A 128 18.70 3.21 15.46
CA ASP A 128 19.94 3.63 16.09
C ASP A 128 20.02 5.14 16.25
N LEU A 129 19.07 5.88 15.67
CA LEU A 129 19.02 7.34 15.77
C LEU A 129 20.24 8.02 15.15
N LYS A 130 20.96 7.29 14.28
CA LYS A 130 22.22 7.74 13.68
C LYS A 130 22.21 7.67 12.16
N THR A 131 21.43 6.75 11.58
CA THR A 131 21.44 6.51 10.15
C THR A 131 20.04 6.65 9.59
N TRP A 132 19.96 6.87 8.28
CA TRP A 132 18.67 7.04 7.60
C TRP A 132 18.41 5.90 6.64
N THR A 133 17.11 5.66 6.38
CA THR A 133 16.64 4.78 5.32
C THR A 133 15.89 5.66 4.33
N ALA A 134 16.32 5.64 3.08
CA ALA A 134 15.76 6.45 2.01
C ALA A 134 14.95 5.54 1.10
N ALA A 135 13.73 5.97 0.77
CA ALA A 135 12.84 5.10 0.00
C ALA A 135 13.23 5.05 -1.47
N ASP A 136 13.62 6.17 -2.07
CA ASP A 136 13.92 6.19 -3.50
C ASP A 136 15.15 7.06 -3.76
N MET A 137 15.51 7.15 -5.05
CA MET A 137 16.42 8.12 -5.66
C MET A 137 16.40 9.48 -5.00
N ALA A 138 15.26 10.18 -5.07
CA ALA A 138 15.17 11.53 -4.54
C ALA A 138 15.50 11.57 -3.05
N ALA A 139 14.94 10.62 -2.28
CA ALA A 139 15.23 10.57 -0.85
C ALA A 139 16.70 10.34 -0.58
N GLN A 140 17.39 9.65 -1.50
CA GLN A 140 18.82 9.44 -1.32
C GLN A 140 19.59 10.75 -1.48
N ILE A 141 19.07 11.68 -2.29
CA ILE A 141 19.65 13.02 -2.33
C ILE A 141 19.54 13.64 -0.95
N THR A 142 18.35 13.56 -0.35
CA THR A 142 18.14 14.13 0.98
C THR A 142 19.05 13.43 1.99
N ARG A 143 19.10 12.08 1.94
CA ARG A 143 19.99 11.32 2.81
C ARG A 143 21.41 11.86 2.77
N ARG A 144 22.00 12.02 1.58
CA ARG A 144 23.39 12.46 1.55
C ARG A 144 23.56 13.88 2.05
N LYS A 145 22.60 14.76 1.79
CA LYS A 145 22.68 16.10 2.38
C LYS A 145 22.58 16.03 3.91
N TRP A 146 21.70 15.18 4.42
CA TRP A 146 21.53 15.10 5.87
C TRP A 146 22.70 14.39 6.54
N GLU A 147 23.32 13.45 5.83
CA GLU A 147 24.56 12.84 6.32
C GLU A 147 25.67 13.88 6.43
N GLN A 148 25.90 14.65 5.36
CA GLN A 148 26.95 15.67 5.42
C GLN A 148 26.66 16.74 6.47
N ALA A 149 25.39 17.08 6.68
CA ALA A 149 25.06 18.18 7.59
C ALA A 149 25.04 17.78 9.06
N GLY A 150 25.08 16.49 9.37
CA GLY A 150 24.93 16.01 10.73
C GLY A 150 23.52 16.15 11.27
N ALA A 151 22.51 15.94 10.43
CA ALA A 151 21.12 16.13 10.86
C ALA A 151 20.73 15.16 11.97
N ALA A 152 21.12 13.89 11.84
CA ALA A 152 20.67 12.88 12.80
C ALA A 152 21.10 13.24 14.21
N GLU A 153 22.31 13.78 14.36
CA GLU A 153 22.80 14.12 15.68
C GLU A 153 21.94 15.20 16.33
N ARG A 154 21.49 16.17 15.54
CA ARG A 154 20.63 17.20 16.10
C ARG A 154 19.23 16.66 16.37
N ASP A 155 18.66 15.90 15.43
CA ASP A 155 17.35 15.34 15.67
C ASP A 155 17.36 14.34 16.81
N ARG A 156 18.46 13.59 16.95
CA ARG A 156 18.56 12.65 18.05
C ARG A 156 18.61 13.38 19.38
N ALA A 157 19.22 14.57 19.42
CA ALA A 157 19.24 15.35 20.65
C ALA A 157 17.83 15.67 21.11
N TYR A 158 16.93 15.98 20.18
CA TYR A 158 15.55 16.22 20.57
C TYR A 158 14.89 14.96 21.10
N LEU A 159 15.06 13.83 20.41
CA LEU A 159 14.35 12.62 20.81
C LEU A 159 14.84 12.10 22.15
N GLU A 160 16.16 12.13 22.36
CA GLU A 160 16.73 11.68 23.62
C GLU A 160 16.54 12.70 24.73
N GLY A 161 16.43 13.99 24.40
CA GLY A 161 16.45 15.01 25.42
C GLY A 161 15.08 15.60 25.70
N GLU A 162 14.60 16.55 24.89
CA GLU A 162 13.38 17.22 25.30
C GLU A 162 12.13 16.42 25.03
N CYS A 163 12.17 15.42 24.16
CA CYS A 163 10.96 14.66 23.96
C CYS A 163 10.71 13.75 25.17
N VAL A 164 11.77 13.27 25.80
CA VAL A 164 11.60 12.43 26.98
C VAL A 164 11.26 13.27 28.20
N GLU A 165 11.93 14.40 28.36
CA GLU A 165 11.68 15.23 29.54
C GLU A 165 10.28 15.86 29.51
N TRP A 166 9.82 16.31 28.34
CA TRP A 166 8.50 16.92 28.26
C TRP A 166 7.38 15.89 28.34
N LEU A 167 7.58 14.70 27.76
CA LEU A 167 6.66 13.58 27.97
C LEU A 167 6.49 13.37 29.47
N ARG A 168 7.58 13.01 30.13
CA ARG A 168 7.55 12.77 31.58
C ARG A 168 6.78 13.86 32.29
N ARG A 169 6.95 15.10 31.83
CA ARG A 169 6.27 16.16 32.53
C ARG A 169 4.79 16.29 32.12
N TYR A 170 4.46 16.04 30.86
CA TYR A 170 3.05 15.99 30.50
C TYR A 170 2.32 14.88 31.26
N LEU A 171 2.97 13.72 31.46
CA LEU A 171 2.33 12.64 32.20
C LEU A 171 2.01 13.01 33.64
N LYS A 172 2.94 13.70 34.31
CA LYS A 172 2.66 14.19 35.67
C LYS A 172 1.48 15.16 35.69
N ASN A 173 1.51 16.17 34.80
CA ASN A 173 0.55 17.26 34.87
C ASN A 173 -0.81 16.83 34.35
N GLY A 174 -0.87 15.82 33.49
CA GLY A 174 -2.13 15.29 33.01
C GLY A 174 -2.42 13.91 33.57
N ASN A 175 -1.83 13.61 34.74
CA ASN A 175 -1.97 12.30 35.36
C ASN A 175 -3.42 11.83 35.40
N ALA A 176 -4.35 12.72 35.78
CA ALA A 176 -5.72 12.30 36.04
C ALA A 176 -6.34 11.66 34.80
N THR A 177 -6.02 12.17 33.62
CA THR A 177 -6.60 11.59 32.41
C THR A 177 -5.62 10.67 31.69
N LEU A 178 -4.33 11.02 31.65
CA LEU A 178 -3.36 10.23 30.88
C LEU A 178 -2.99 8.92 31.57
N LEU A 179 -2.96 8.85 32.90
CA LEU A 179 -2.60 7.60 33.54
C LEU A 179 -3.81 6.94 34.20
N ARG A 180 -4.98 7.27 33.71
CA ARG A 180 -6.21 6.52 33.91
C ARG A 180 -6.25 5.24 33.07
N THR A 181 -6.88 4.21 33.61
CA THR A 181 -7.27 3.08 32.77
C THR A 181 -8.77 2.85 32.93
N ASP A 182 -9.45 2.70 31.79
CA ASP A 182 -10.88 2.42 31.79
C ASP A 182 -11.07 1.02 31.21
N PRO A 183 -11.49 0.04 32.00
CA PRO A 183 -11.70 -1.29 31.44
C PRO A 183 -12.85 -1.28 30.44
N PRO A 184 -12.83 -2.18 29.45
CA PRO A 184 -14.00 -2.32 28.58
C PRO A 184 -15.18 -2.86 29.36
N LYS A 185 -16.35 -2.35 29.04
CA LYS A 185 -17.61 -2.97 29.45
C LYS A 185 -18.06 -3.82 28.27
N ALA A 186 -18.15 -5.14 28.48
CA ALA A 186 -18.33 -6.07 27.36
C ALA A 186 -19.65 -6.83 27.47
N HIS A 187 -20.25 -7.14 26.32
CA HIS A 187 -21.44 -7.99 26.27
C HIS A 187 -21.57 -8.55 24.87
N VAL A 188 -22.38 -9.60 24.72
CA VAL A 188 -22.58 -10.27 23.44
C VAL A 188 -24.03 -10.05 23.02
N THR A 189 -24.22 -9.65 21.77
CA THR A 189 -25.56 -9.53 21.20
C THR A 189 -25.78 -10.65 20.19
N HIS A 190 -27.04 -11.04 20.04
CA HIS A 190 -27.44 -12.20 19.27
C HIS A 190 -28.38 -11.72 18.18
N HIS A 191 -28.10 -12.09 16.91
CA HIS A 191 -28.95 -11.67 15.81
C HIS A 191 -29.25 -12.82 14.85
N ARG A 192 -30.53 -13.04 14.56
CA ARG A 192 -30.92 -14.11 13.65
C ARG A 192 -30.79 -13.57 12.23
N ARG A 193 -30.21 -14.37 11.33
CA ARG A 193 -29.98 -13.89 9.98
C ARG A 193 -30.98 -14.52 9.03
N PRO A 194 -31.22 -13.90 7.86
CA PRO A 194 -32.34 -14.35 7.02
C PRO A 194 -32.14 -15.68 6.33
N GLU A 195 -30.98 -16.32 6.41
CA GLU A 195 -30.88 -17.65 5.84
C GLU A 195 -30.52 -18.69 6.90
N GLY A 196 -30.99 -18.50 8.13
CA GLY A 196 -31.09 -19.59 9.07
C GLY A 196 -30.05 -19.59 10.17
N ASP A 197 -28.89 -18.94 9.96
CA ASP A 197 -27.86 -18.93 11.00
C ASP A 197 -27.90 -17.64 11.85
N VAL A 198 -26.90 -17.45 12.70
CA VAL A 198 -26.93 -16.41 13.73
C VAL A 198 -25.63 -15.63 13.72
N THR A 199 -25.72 -14.31 13.88
CA THR A 199 -24.56 -13.49 14.16
C THR A 199 -24.45 -13.30 15.66
N LEU A 200 -23.29 -13.60 16.23
CA LEU A 200 -22.98 -13.18 17.59
C LEU A 200 -21.93 -12.10 17.56
N ARG A 201 -22.22 -10.97 18.21
CA ARG A 201 -21.36 -9.79 18.16
C ARG A 201 -20.91 -9.51 19.58
N CYS A 202 -19.60 -9.52 19.79
CA CYS A 202 -19.02 -9.30 21.10
C CYS A 202 -18.55 -7.85 21.16
N TRP A 203 -19.13 -7.08 22.08
CA TRP A 203 -18.90 -5.66 22.19
C TRP A 203 -17.92 -5.34 23.30
N ALA A 204 -17.02 -4.39 23.06
CA ALA A 204 -16.16 -3.82 24.09
C ALA A 204 -16.35 -2.31 24.03
N LEU A 205 -16.82 -1.70 25.13
CA LEU A 205 -17.17 -0.29 25.07
C LEU A 205 -16.57 0.49 26.22
N GLY A 206 -16.36 1.78 25.98
CA GLY A 206 -15.84 2.71 26.97
C GLY A 206 -14.47 2.40 27.55
N PHE A 207 -13.56 1.88 26.74
CA PHE A 207 -12.25 1.52 27.29
C PHE A 207 -11.17 2.53 26.91
N TYR A 208 -10.14 2.57 27.74
CA TYR A 208 -8.93 3.38 27.52
C TYR A 208 -7.78 2.72 28.30
N PRO A 209 -6.58 2.59 27.68
CA PRO A 209 -6.26 3.07 26.33
C PRO A 209 -6.82 2.22 25.19
N ALA A 210 -6.40 2.56 23.95
CA ALA A 210 -7.06 2.00 22.77
C ALA A 210 -6.69 0.55 22.53
N ASP A 211 -5.49 0.12 22.93
CA ASP A 211 -5.07 -1.25 22.64
C ASP A 211 -5.99 -2.24 23.33
N ILE A 212 -6.42 -3.26 22.59
CA ILE A 212 -7.30 -4.29 23.14
C ILE A 212 -7.21 -5.50 22.23
N THR A 213 -7.52 -6.67 22.79
CA THR A 213 -7.56 -7.91 22.03
C THR A 213 -8.90 -8.58 22.25
N LEU A 214 -9.57 -8.87 21.14
CA LEU A 214 -10.93 -9.41 21.11
C LEU A 214 -10.88 -10.63 20.21
N THR A 215 -11.22 -11.82 20.76
CA THR A 215 -11.19 -13.03 19.94
C THR A 215 -12.39 -13.90 20.28
N TRP A 216 -12.79 -14.73 19.31
CA TRP A 216 -13.83 -15.73 19.52
C TRP A 216 -13.19 -17.12 19.50
N GLN A 217 -13.74 -18.00 20.31
CA GLN A 217 -13.34 -19.40 20.34
C GLN A 217 -14.56 -20.30 20.21
N LEU A 218 -14.33 -21.48 19.65
CA LEU A 218 -15.33 -22.53 19.56
C LEU A 218 -14.72 -23.76 20.22
N ASN A 219 -15.29 -24.16 21.35
CA ASN A 219 -14.82 -25.30 22.12
C ASN A 219 -13.34 -25.14 22.45
N GLY A 220 -12.94 -23.91 22.75
CA GLY A 220 -11.59 -23.67 23.21
C GLY A 220 -10.57 -23.43 22.12
N GLU A 221 -10.98 -23.46 20.85
CA GLU A 221 -10.07 -23.23 19.74
C GLU A 221 -10.39 -21.88 19.11
N GLU A 222 -9.36 -21.08 18.87
CA GLU A 222 -9.57 -19.72 18.42
C GLU A 222 -10.00 -19.70 16.95
N LEU A 223 -10.89 -18.78 16.62
CA LEU A 223 -11.51 -18.70 15.30
C LEU A 223 -10.86 -17.59 14.49
N THR A 224 -9.57 -17.77 14.19
CA THR A 224 -8.79 -16.63 13.73
C THR A 224 -9.19 -16.20 12.32
N GLN A 225 -9.55 -17.14 11.47
CA GLN A 225 -9.96 -16.81 10.11
C GLN A 225 -11.44 -16.45 9.97
N GLU A 226 -12.27 -16.90 10.91
CA GLU A 226 -13.71 -16.71 10.81
C GLU A 226 -14.20 -15.41 11.40
N MET A 227 -13.42 -14.76 12.23
CA MET A 227 -13.90 -13.60 12.96
C MET A 227 -13.91 -12.38 12.08
N GLU A 228 -14.93 -11.56 12.24
CA GLU A 228 -14.97 -10.24 11.61
C GLU A 228 -14.77 -9.23 12.71
N LEU A 229 -13.93 -8.23 12.45
CA LEU A 229 -13.72 -7.19 13.43
C LEU A 229 -13.87 -5.85 12.77
N VAL A 230 -14.14 -4.85 13.59
CA VAL A 230 -14.15 -3.49 13.09
C VAL A 230 -12.90 -2.86 13.66
N GLU A 231 -12.45 -1.83 12.96
CA GLU A 231 -11.35 -1.04 13.47
C GLU A 231 -11.79 -0.37 14.78
N THR A 232 -10.88 -0.33 15.74
CA THR A 232 -11.15 0.36 16.99
C THR A 232 -11.49 1.82 16.69
N ARG A 233 -12.49 2.36 17.39
CA ARG A 233 -13.07 3.64 17.02
C ARG A 233 -13.32 4.49 18.25
N PRO A 234 -13.14 5.80 18.16
CA PRO A 234 -13.38 6.66 19.32
C PRO A 234 -14.86 6.82 19.62
N ALA A 235 -15.21 6.72 20.90
CA ALA A 235 -16.56 7.08 21.31
C ALA A 235 -16.78 8.60 21.26
N GLY A 236 -15.71 9.37 21.32
CA GLY A 236 -15.79 10.82 21.29
C GLY A 236 -15.69 11.49 22.64
N ASP A 237 -15.66 10.72 23.72
CA ASP A 237 -15.53 11.24 25.08
C ASP A 237 -14.21 10.84 25.71
N GLY A 238 -13.26 10.39 24.91
CA GLY A 238 -11.98 9.96 25.41
C GLY A 238 -11.78 8.46 25.48
N THR A 239 -12.84 7.66 25.36
CA THR A 239 -12.74 6.21 25.38
C THR A 239 -12.97 5.68 23.97
N PHE A 240 -12.82 4.37 23.81
CA PHE A 240 -12.90 3.69 22.51
C PHE A 240 -13.90 2.55 22.57
N GLN A 241 -14.23 2.06 21.36
CA GLN A 241 -15.13 0.95 21.14
C GLN A 241 -14.55 0.01 20.11
N LYS A 242 -14.96 -1.25 20.20
CA LYS A 242 -14.58 -2.27 19.23
C LYS A 242 -15.60 -3.40 19.33
N TRP A 243 -15.79 -4.11 18.22
CA TRP A 243 -16.53 -5.35 18.31
C TRP A 243 -15.97 -6.37 17.35
N ALA A 244 -16.28 -7.64 17.67
CA ALA A 244 -15.90 -8.80 16.88
C ALA A 244 -17.11 -9.70 16.77
N SER A 245 -17.32 -10.29 15.60
CA SER A 245 -18.50 -11.12 15.39
C SER A 245 -18.14 -12.42 14.69
N VAL A 246 -19.01 -13.42 14.84
CA VAL A 246 -18.91 -14.65 14.11
C VAL A 246 -20.31 -15.07 13.70
N VAL A 247 -20.38 -15.84 12.62
CA VAL A 247 -21.62 -16.42 12.11
C VAL A 247 -21.62 -17.88 12.54
N VAL A 248 -22.64 -18.31 13.27
CA VAL A 248 -22.66 -19.63 13.88
C VAL A 248 -23.98 -20.32 13.57
N PRO A 249 -24.03 -21.64 13.65
CA PRO A 249 -25.28 -22.34 13.32
C PRO A 249 -26.33 -22.10 14.40
N LEU A 250 -27.58 -22.07 13.96
CA LEU A 250 -28.68 -21.86 14.90
C LEU A 250 -28.76 -23.03 15.86
N GLY A 251 -28.96 -22.72 17.14
CA GLY A 251 -28.96 -23.72 18.17
C GLY A 251 -27.59 -24.10 18.72
N LYS A 252 -26.50 -23.49 18.24
CA LYS A 252 -25.19 -23.83 18.76
C LYS A 252 -24.47 -22.61 19.31
N GLU A 253 -25.21 -21.59 19.72
CA GLU A 253 -24.55 -20.36 20.14
C GLU A 253 -23.77 -20.53 21.43
N GLN A 254 -24.23 -21.42 22.31
CA GLN A 254 -23.59 -21.52 23.61
C GLN A 254 -22.27 -22.28 23.57
N LYS A 255 -21.85 -22.76 22.40
CA LYS A 255 -20.55 -23.38 22.22
C LYS A 255 -19.45 -22.37 21.93
N TYR A 256 -19.80 -21.09 21.80
CA TYR A 256 -18.87 -20.04 21.40
C TYR A 256 -18.65 -19.08 22.56
N THR A 257 -17.38 -18.71 22.76
CA THR A 257 -17.00 -17.79 23.82
C THR A 257 -16.21 -16.64 23.23
N CYS A 258 -16.48 -15.43 23.70
CA CYS A 258 -15.73 -14.24 23.32
C CYS A 258 -14.72 -13.93 24.42
N HIS A 259 -13.49 -13.57 24.03
CA HIS A 259 -12.42 -13.32 24.98
C HIS A 259 -11.85 -11.91 24.81
N VAL A 260 -11.79 -11.17 25.91
CA VAL A 260 -11.39 -9.77 25.92
C VAL A 260 -10.15 -9.62 26.79
N GLU A 261 -9.09 -9.04 26.23
CA GLU A 261 -7.88 -8.70 26.98
C GLU A 261 -7.63 -7.22 26.89
N HIS A 262 -7.33 -6.60 28.03
CA HIS A 262 -7.15 -5.16 28.07
C HIS A 262 -6.40 -4.80 29.34
N GLU A 263 -5.64 -3.71 29.27
CA GLU A 263 -4.85 -3.30 30.42
C GLU A 263 -5.71 -3.09 31.66
N GLY A 264 -6.96 -2.70 31.51
CA GLY A 264 -7.85 -2.50 32.62
C GLY A 264 -8.48 -3.73 33.23
N LEU A 265 -8.18 -4.93 32.74
CA LEU A 265 -8.74 -6.14 33.31
C LEU A 265 -7.66 -6.94 33.98
N PRO A 266 -7.84 -7.32 35.25
CA PRO A 266 -6.82 -8.14 35.93
C PRO A 266 -6.61 -9.47 35.25
N GLU A 267 -7.69 -10.09 34.81
CA GLU A 267 -7.78 -11.34 34.09
C GLU A 267 -8.56 -11.08 32.81
N PRO A 268 -8.24 -11.76 31.72
CA PRO A 268 -9.09 -11.63 30.52
C PRO A 268 -10.52 -12.03 30.85
N LEU A 269 -11.44 -11.46 30.10
CA LEU A 269 -12.84 -11.80 30.22
C LEU A 269 -13.21 -12.89 29.24
N THR A 270 -14.06 -13.80 29.68
CA THR A 270 -14.68 -14.79 28.82
C THR A 270 -16.18 -14.56 28.94
N LEU A 271 -16.82 -14.37 27.80
CA LEU A 271 -18.25 -14.12 27.71
C LEU A 271 -18.89 -15.14 26.80
N ARG A 272 -20.12 -15.51 27.12
CA ARG A 272 -20.87 -16.53 26.40
C ARG A 272 -22.32 -16.11 26.37
N TRP A 273 -22.95 -16.23 25.21
CA TRP A 273 -24.36 -15.90 25.10
C TRP A 273 -25.21 -17.07 25.55
N ILE B 2 0.06 8.11 -4.69
CA ILE B 2 -0.86 7.11 -4.18
C ILE B 2 -2.12 7.72 -3.57
N GLN B 3 -3.28 7.23 -4.00
CA GLN B 3 -4.57 7.63 -3.47
C GLN B 3 -5.30 6.44 -2.89
N LYS B 4 -5.93 6.64 -1.73
CA LYS B 4 -6.70 5.60 -1.07
C LYS B 4 -8.05 6.15 -0.68
N THR B 5 -9.11 5.34 -0.90
CA THR B 5 -10.50 5.68 -0.63
C THR B 5 -10.79 5.59 0.87
N PRO B 6 -11.59 6.51 1.40
CA PRO B 6 -11.97 6.46 2.81
C PRO B 6 -12.77 5.21 3.19
N GLN B 7 -12.53 4.72 4.40
CA GLN B 7 -13.41 3.80 5.10
C GLN B 7 -14.25 4.61 6.07
N ILE B 8 -15.49 4.16 6.32
CA ILE B 8 -16.45 4.91 7.10
C ILE B 8 -17.14 4.02 8.12
N GLN B 9 -17.19 4.46 9.37
CA GLN B 9 -18.05 3.82 10.36
C GLN B 9 -19.04 4.86 10.90
N VAL B 10 -20.31 4.47 11.01
CA VAL B 10 -21.32 5.35 11.57
C VAL B 10 -21.91 4.66 12.78
N TYR B 11 -21.86 5.31 13.93
CA TYR B 11 -22.21 4.63 15.18
C TYR B 11 -22.49 5.68 16.27
N SER B 12 -23.29 5.27 17.24
CA SER B 12 -23.63 6.08 18.41
C SER B 12 -22.54 6.02 19.47
N ARG B 13 -22.42 7.08 20.28
CA ARG B 13 -21.45 7.01 21.36
C ARG B 13 -21.90 6.14 22.53
N HIS B 14 -23.20 6.10 22.83
CA HIS B 14 -23.75 5.19 23.82
C HIS B 14 -24.74 4.24 23.17
N PRO B 15 -25.05 3.12 23.83
CA PRO B 15 -26.03 2.16 23.28
C PRO B 15 -27.30 2.90 22.88
N PRO B 16 -27.74 2.75 21.62
CA PRO B 16 -28.89 3.52 21.17
C PRO B 16 -30.17 3.03 21.82
N GLU B 17 -30.96 3.97 22.34
CA GLU B 17 -32.31 3.65 22.76
C GLU B 17 -33.18 4.78 22.27
N ASN B 18 -34.32 4.46 21.68
CA ASN B 18 -35.08 5.52 21.03
C ASN B 18 -35.74 6.38 22.09
N GLY B 19 -35.82 7.67 21.80
CA GLY B 19 -36.26 8.62 22.80
C GLY B 19 -35.19 9.10 23.76
N LYS B 20 -33.95 8.56 23.70
CA LYS B 20 -32.93 9.01 24.63
C LYS B 20 -31.79 9.73 23.91
N PRO B 21 -31.27 10.81 24.49
CA PRO B 21 -30.31 11.62 23.75
C PRO B 21 -28.96 10.94 23.69
N ASN B 22 -28.21 11.25 22.65
CA ASN B 22 -27.05 10.44 22.32
C ASN B 22 -26.19 11.27 21.39
N ILE B 23 -25.09 10.70 20.95
CA ILE B 23 -24.17 11.36 20.03
C ILE B 23 -23.96 10.41 18.87
N LEU B 24 -24.10 10.91 17.64
CA LEU B 24 -23.88 10.04 16.48
C LEU B 24 -22.54 10.43 15.85
N ASN B 25 -21.71 9.43 15.61
CA ASN B 25 -20.34 9.59 15.12
C ASN B 25 -20.26 9.17 13.66
N CYS B 26 -19.46 9.87 12.88
CA CYS B 26 -19.08 9.33 11.58
C CYS B 26 -17.56 9.38 11.53
N TYR B 27 -16.95 8.20 11.59
CA TYR B 27 -15.50 8.06 11.70
C TYR B 27 -14.94 7.67 10.33
N VAL B 28 -14.12 8.55 9.75
CA VAL B 28 -13.63 8.39 8.38
C VAL B 28 -12.12 8.18 8.44
N THR B 29 -11.63 7.06 7.90
CA THR B 29 -10.24 6.66 8.06
C THR B 29 -9.66 6.24 6.72
N GLN B 30 -8.33 6.04 6.73
CA GLN B 30 -7.63 5.37 5.61
C GLN B 30 -7.72 6.11 4.29
N PHE B 31 -7.81 7.44 4.30
CA PHE B 31 -7.86 8.12 3.01
C PHE B 31 -6.57 8.91 2.75
N HIS B 32 -6.30 9.12 1.47
CA HIS B 32 -5.15 9.92 1.02
C HIS B 32 -5.44 10.36 -0.40
N PRO B 33 -5.19 11.63 -0.76
CA PRO B 33 -4.78 12.85 -0.05
C PRO B 33 -5.80 13.31 1.00
N PRO B 34 -5.44 14.30 1.84
CA PRO B 34 -6.35 14.69 2.93
C PRO B 34 -7.60 15.44 2.49
N HIS B 35 -7.69 15.92 1.25
CA HIS B 35 -8.87 16.68 0.86
C HIS B 35 -10.09 15.79 0.96
N ILE B 36 -11.09 16.24 1.71
CA ILE B 36 -12.29 15.43 1.92
C ILE B 36 -13.45 16.33 2.34
N GLU B 37 -14.66 15.89 2.02
CA GLU B 37 -15.87 16.56 2.49
C GLU B 37 -16.78 15.52 3.13
N ILE B 38 -17.29 15.84 4.30
CA ILE B 38 -18.07 14.90 5.09
C ILE B 38 -19.36 15.62 5.43
N GLN B 39 -20.47 14.96 5.21
CA GLN B 39 -21.77 15.50 5.57
C GLN B 39 -22.50 14.44 6.38
N MET B 40 -23.16 14.81 7.46
CA MET B 40 -24.08 13.88 8.11
C MET B 40 -25.52 14.26 7.82
N LEU B 41 -26.34 13.24 7.61
CA LEU B 41 -27.66 13.40 7.02
C LEU B 41 -28.68 12.77 7.96
N LYS B 42 -29.85 13.38 8.00
CA LYS B 42 -31.02 12.80 8.66
C LYS B 42 -32.17 12.86 7.68
N ASN B 43 -32.71 11.67 7.38
CA ASN B 43 -33.70 11.44 6.32
C ASN B 43 -33.36 12.21 5.04
N GLY B 44 -32.10 12.06 4.62
CA GLY B 44 -31.64 12.63 3.36
C GLY B 44 -31.29 14.10 3.39
N LYS B 45 -31.44 14.77 4.54
CA LYS B 45 -31.21 16.21 4.67
C LYS B 45 -29.97 16.48 5.51
N LYS B 46 -29.24 17.54 5.19
CA LYS B 46 -27.99 17.79 5.91
C LYS B 46 -28.27 18.32 7.30
N ILE B 47 -27.52 17.81 8.26
CA ILE B 47 -27.66 18.19 9.66
C ILE B 47 -26.86 19.47 9.88
N PRO B 48 -27.41 20.55 10.44
CA PRO B 48 -26.67 21.80 10.34
C PRO B 48 -25.49 21.87 11.28
N LYS B 49 -25.66 21.62 12.58
CA LYS B 49 -24.54 21.66 13.50
C LYS B 49 -23.87 20.28 13.43
N VAL B 50 -22.69 20.19 12.85
CA VAL B 50 -21.88 18.97 12.94
C VAL B 50 -20.49 19.41 13.36
N GLU B 51 -19.92 18.72 14.34
CA GLU B 51 -18.60 19.06 14.85
C GLU B 51 -17.59 18.11 14.25
N MET B 52 -16.44 18.66 13.85
CA MET B 52 -15.37 17.90 13.24
C MET B 52 -14.16 17.91 14.16
N SER B 53 -13.59 16.74 14.39
CA SER B 53 -12.33 16.72 15.11
C SER B 53 -11.23 17.32 14.25
N ASP B 54 -10.08 17.55 14.87
CA ASP B 54 -8.87 17.80 14.10
C ASP B 54 -8.54 16.54 13.30
N MET B 55 -7.98 16.73 12.11
CA MET B 55 -7.59 15.60 11.32
C MET B 55 -6.15 15.23 11.69
N SER B 56 -5.84 13.94 11.69
CA SER B 56 -4.48 13.44 11.91
C SER B 56 -4.24 12.28 10.95
N PHE B 57 -3.13 11.56 11.15
CA PHE B 57 -2.85 10.40 10.31
C PHE B 57 -2.29 9.25 11.12
N SER B 58 -2.33 8.05 10.52
CA SER B 58 -1.98 6.78 11.14
C SER B 58 -0.56 6.35 10.80
N LYS B 59 -0.19 5.17 11.33
CA LYS B 59 1.13 4.58 11.07
C LYS B 59 1.43 4.49 9.58
N ASP B 60 0.43 4.16 8.77
CA ASP B 60 0.65 4.00 7.34
C ASP B 60 0.46 5.29 6.56
N TRP B 61 0.35 6.44 7.24
CA TRP B 61 0.24 7.80 6.71
C TRP B 61 -1.16 8.17 6.21
N SER B 62 -2.10 7.23 6.12
CA SER B 62 -3.48 7.58 5.80
C SER B 62 -4.10 8.47 6.89
N PHE B 63 -4.99 9.37 6.48
CA PHE B 63 -5.61 10.29 7.41
C PHE B 63 -6.87 9.73 8.02
N TYR B 64 -7.30 10.40 9.10
CA TYR B 64 -8.52 10.02 9.78
C TYR B 64 -9.08 11.26 10.46
N ILE B 65 -10.39 11.26 10.63
CA ILE B 65 -11.11 12.39 11.21
C ILE B 65 -12.43 11.88 11.75
N LEU B 66 -12.95 12.55 12.78
CA LEU B 66 -14.22 12.16 13.38
C LEU B 66 -15.18 13.32 13.31
N ALA B 67 -16.36 13.07 12.75
CA ALA B 67 -17.45 14.04 12.76
C ALA B 67 -18.51 13.48 13.69
N HIS B 68 -19.20 14.36 14.37
CA HIS B 68 -20.21 13.95 15.30
C HIS B 68 -21.29 14.98 15.51
N THR B 69 -22.48 14.55 15.92
CA THR B 69 -23.55 15.49 16.18
C THR B 69 -24.45 14.90 17.25
N GLU B 70 -25.18 15.76 17.93
CA GLU B 70 -26.13 15.24 18.90
C GLU B 70 -27.35 14.73 18.16
N PHE B 71 -27.95 13.70 18.71
CA PHE B 71 -29.16 13.16 18.12
C PHE B 71 -29.89 12.34 19.18
N THR B 72 -31.18 12.18 18.93
CA THR B 72 -32.05 11.31 19.72
C THR B 72 -32.65 10.35 18.71
N PRO B 73 -32.23 9.10 18.68
CA PRO B 73 -32.74 8.17 17.68
C PRO B 73 -34.20 7.85 17.92
N THR B 74 -34.91 7.57 16.82
CA THR B 74 -36.30 7.15 16.87
C THR B 74 -36.44 5.90 16.02
N GLU B 75 -37.64 5.31 16.05
CA GLU B 75 -37.91 4.19 15.16
C GLU B 75 -37.84 4.58 13.69
N THR B 76 -38.21 5.81 13.34
CA THR B 76 -38.43 6.13 11.94
C THR B 76 -37.37 7.01 11.28
N ASP B 77 -36.51 7.70 12.02
CA ASP B 77 -35.54 8.51 11.29
C ASP B 77 -34.34 7.66 10.94
N THR B 78 -33.79 7.93 9.77
CA THR B 78 -32.64 7.23 9.25
C THR B 78 -31.49 8.21 9.28
N TYR B 79 -30.31 7.74 9.61
CA TYR B 79 -29.15 8.59 9.65
C TYR B 79 -28.07 8.00 8.74
N ALA B 80 -27.28 8.89 8.16
CA ALA B 80 -26.23 8.48 7.26
C ALA B 80 -25.12 9.51 7.27
N CYS B 81 -23.98 9.10 6.75
CA CYS B 81 -22.87 10.02 6.56
C CYS B 81 -22.42 9.88 5.11
N ARG B 82 -22.23 11.00 4.43
CA ARG B 82 -21.85 11.01 3.02
C ARG B 82 -20.50 11.68 2.90
N VAL B 83 -19.60 11.04 2.16
CA VAL B 83 -18.20 11.44 2.07
C VAL B 83 -17.81 11.59 0.61
N LYS B 84 -17.18 12.71 0.28
CA LYS B 84 -16.70 12.99 -1.06
C LYS B 84 -15.17 13.09 -0.98
N HIS B 85 -14.49 12.25 -1.76
CA HIS B 85 -13.03 12.22 -1.78
C HIS B 85 -12.61 12.08 -3.23
N ALA B 86 -11.44 12.63 -3.56
CA ALA B 86 -11.03 12.60 -4.96
C ALA B 86 -10.76 11.19 -5.48
N SER B 87 -10.67 10.21 -4.59
CA SER B 87 -10.47 8.82 -4.96
C SER B 87 -11.71 8.14 -5.51
N MET B 88 -12.89 8.76 -5.36
CA MET B 88 -14.12 8.16 -5.86
C MET B 88 -14.82 9.12 -6.80
N ALA B 89 -15.47 8.55 -7.82
CA ALA B 89 -16.25 9.34 -8.76
C ALA B 89 -17.53 9.84 -8.12
N GLU B 90 -18.21 8.98 -7.39
CA GLU B 90 -19.40 9.31 -6.63
C GLU B 90 -19.05 9.57 -5.17
N PRO B 91 -19.84 10.39 -4.49
CA PRO B 91 -19.78 10.39 -3.03
C PRO B 91 -20.30 9.07 -2.48
N LYS B 92 -19.74 8.66 -1.34
CA LYS B 92 -20.08 7.41 -0.70
C LYS B 92 -20.96 7.69 0.52
N THR B 93 -22.15 7.09 0.54
CA THR B 93 -23.08 7.25 1.65
C THR B 93 -23.14 5.96 2.45
N VAL B 94 -22.99 6.07 3.77
CA VAL B 94 -23.11 4.93 4.68
C VAL B 94 -24.24 5.22 5.67
N TYR B 95 -25.19 4.31 5.75
CA TYR B 95 -26.35 4.48 6.63
C TYR B 95 -26.07 3.85 7.99
N TRP B 96 -26.56 4.52 9.03
CA TRP B 96 -26.38 4.02 10.39
C TRP B 96 -27.17 2.75 10.60
N ASP B 97 -26.51 1.74 11.15
CA ASP B 97 -27.13 0.48 11.53
C ASP B 97 -26.85 0.38 13.03
N ARG B 98 -27.91 0.43 13.84
CA ARG B 98 -27.77 0.50 15.30
C ARG B 98 -27.13 -0.75 15.92
N ASP B 99 -26.95 -1.83 15.16
CA ASP B 99 -26.24 -3.01 15.64
C ASP B 99 -24.81 -3.08 15.14
N MET B 100 -24.25 -1.97 14.68
CA MET B 100 -22.88 -2.01 14.17
C MET B 100 -21.95 -0.95 14.78
N ILE C 1 7.07 19.06 24.31
CA ILE C 1 7.31 20.14 23.37
C ILE C 1 7.59 19.50 22.00
N GLY C 2 7.43 20.24 20.91
CA GLY C 2 7.45 19.64 19.59
C GLY C 2 8.81 19.75 18.89
N PRO C 3 8.96 19.03 17.77
CA PRO C 3 10.22 19.08 17.02
C PRO C 3 10.32 20.26 16.06
N GLY C 4 11.55 20.71 15.84
CA GLY C 4 11.84 21.79 14.91
C GLY C 4 12.64 21.30 13.72
N ARG C 5 12.35 21.86 12.56
CA ARG C 5 13.05 21.43 11.36
C ARG C 5 14.29 22.30 11.20
N ALA C 6 15.44 21.67 11.01
CA ALA C 6 16.67 22.43 10.85
C ALA C 6 17.31 22.30 9.47
N PHE C 7 16.99 21.24 8.72
CA PHE C 7 17.57 20.99 7.41
C PHE C 7 16.49 20.72 6.37
N TYR C 8 16.69 21.27 5.18
CA TYR C 8 15.76 21.11 4.09
C TYR C 8 15.99 19.76 3.43
N THR C 9 14.93 19.21 2.84
CA THR C 9 15.05 17.96 2.07
C THR C 9 15.86 18.18 0.80
N SER D 1 13.82 -24.87 -8.20
CA SER D 1 12.37 -24.92 -8.24
C SER D 1 11.82 -24.17 -9.45
N HIS D 2 10.63 -24.54 -9.88
CA HIS D 2 9.97 -23.91 -11.01
C HIS D 2 8.52 -23.61 -10.65
N SER D 3 7.91 -22.75 -11.45
CA SER D 3 6.54 -22.39 -11.20
C SER D 3 5.77 -22.28 -12.51
N LEU D 4 4.48 -22.55 -12.41
CA LEU D 4 3.51 -22.29 -13.46
C LEU D 4 2.44 -21.39 -12.84
N ARG D 5 2.23 -20.21 -13.43
CA ARG D 5 1.29 -19.25 -12.85
C ARG D 5 0.44 -18.60 -13.94
N TYR D 6 -0.81 -18.33 -13.58
CA TYR D 6 -1.75 -17.63 -14.43
C TYR D 6 -2.20 -16.35 -13.76
N PHE D 7 -2.23 -15.26 -14.52
CA PHE D 7 -2.56 -13.93 -14.01
C PHE D 7 -3.80 -13.47 -14.76
N VAL D 8 -4.88 -13.24 -14.03
CA VAL D 8 -6.19 -12.98 -14.64
C VAL D 8 -6.68 -11.62 -14.18
N THR D 9 -7.18 -10.83 -15.14
CA THR D 9 -7.70 -9.50 -14.83
C THR D 9 -9.02 -9.28 -15.55
N ALA D 10 -10.01 -8.80 -14.81
CA ALA D 10 -11.27 -8.34 -15.37
C ALA D 10 -11.46 -6.88 -15.00
N VAL D 11 -11.70 -6.03 -15.99
CA VAL D 11 -11.86 -4.59 -15.79
C VAL D 11 -13.17 -4.16 -16.42
N SER D 12 -14.05 -3.57 -15.61
CA SER D 12 -15.33 -3.12 -16.11
C SER D 12 -15.17 -1.75 -16.76
N ARG D 13 -16.05 -1.46 -17.70
CA ARG D 13 -16.05 -0.19 -18.41
C ARG D 13 -17.49 0.19 -18.67
N PRO D 14 -18.16 0.77 -17.67
CA PRO D 14 -19.56 1.18 -17.85
C PRO D 14 -19.71 2.14 -19.03
N GLY D 15 -20.74 1.88 -19.84
CA GLY D 15 -21.00 2.68 -21.01
C GLY D 15 -20.29 2.20 -22.26
N PHE D 16 -19.18 1.48 -22.10
CA PHE D 16 -18.44 0.86 -23.19
C PHE D 16 -18.52 -0.66 -23.13
N GLY D 17 -19.71 -1.18 -22.84
CA GLY D 17 -19.96 -2.58 -23.10
C GLY D 17 -19.49 -3.47 -21.96
N GLU D 18 -19.26 -4.71 -22.32
CA GLU D 18 -18.89 -5.72 -21.37
C GLU D 18 -17.47 -5.49 -20.85
N PRO D 19 -17.16 -6.01 -19.65
CA PRO D 19 -15.82 -5.78 -19.10
C PRO D 19 -14.75 -6.46 -19.94
N ARG D 20 -13.53 -5.91 -19.86
CA ARG D 20 -12.40 -6.50 -20.53
C ARG D 20 -11.87 -7.64 -19.69
N TYR D 21 -11.66 -8.80 -20.32
CA TYR D 21 -11.20 -9.97 -19.58
C TYR D 21 -9.89 -10.45 -20.19
N MET D 22 -8.86 -10.64 -19.35
CA MET D 22 -7.55 -11.05 -19.84
C MET D 22 -6.93 -12.11 -18.95
N GLU D 23 -6.21 -13.03 -19.59
CA GLU D 23 -5.43 -14.07 -18.91
C GLU D 23 -4.04 -14.09 -19.49
N VAL D 24 -3.03 -14.22 -18.64
CA VAL D 24 -1.66 -14.43 -19.11
C VAL D 24 -1.05 -15.55 -18.28
N GLY D 25 -0.40 -16.50 -18.94
CA GLY D 25 0.20 -17.65 -18.29
C GLY D 25 1.71 -17.54 -18.38
N TYR D 26 2.39 -17.93 -17.32
CA TYR D 26 3.83 -17.86 -17.23
C TYR D 26 4.38 -19.18 -16.73
N VAL D 27 5.55 -19.53 -17.23
CA VAL D 27 6.39 -20.52 -16.59
C VAL D 27 7.63 -19.76 -16.14
N ASP D 28 7.90 -19.81 -14.84
CA ASP D 28 8.85 -18.93 -14.19
C ASP D 28 8.70 -17.50 -14.72
N ASN D 29 9.72 -17.00 -15.42
CA ASN D 29 9.70 -15.63 -15.91
C ASN D 29 9.42 -15.55 -17.40
N THR D 30 8.77 -16.55 -17.98
CA THR D 30 8.53 -16.54 -19.41
C THR D 30 7.04 -16.70 -19.67
N GLU D 31 6.46 -15.74 -20.39
CA GLU D 31 5.06 -15.82 -20.75
C GLU D 31 4.94 -16.76 -21.95
N PHE D 32 3.96 -17.64 -21.91
CA PHE D 32 3.78 -18.59 -23.01
C PHE D 32 2.37 -18.63 -23.56
N VAL D 33 1.37 -18.13 -22.85
CA VAL D 33 0.00 -18.10 -23.35
C VAL D 33 -0.69 -16.82 -22.88
N ARG D 34 -1.69 -16.40 -23.63
CA ARG D 34 -2.45 -15.22 -23.26
C ARG D 34 -3.86 -15.31 -23.85
N PHE D 35 -4.81 -14.62 -23.19
CA PHE D 35 -6.15 -14.46 -23.73
C PHE D 35 -6.62 -13.04 -23.46
N ASP D 36 -7.33 -12.46 -24.42
CA ASP D 36 -7.79 -11.08 -24.33
C ASP D 36 -9.17 -10.99 -24.96
N SER D 37 -10.18 -10.62 -24.17
CA SER D 37 -11.54 -10.53 -24.66
C SER D 37 -11.71 -9.43 -25.70
N ASP D 38 -10.84 -8.42 -25.71
CA ASP D 38 -11.00 -7.35 -26.69
C ASP D 38 -10.54 -7.75 -28.09
N ALA D 39 -9.77 -8.82 -28.23
CA ALA D 39 -9.30 -9.24 -29.54
C ALA D 39 -10.46 -9.72 -30.41
N GLU D 40 -10.18 -9.89 -31.71
CA GLU D 40 -11.18 -10.37 -32.65
C GLU D 40 -11.07 -11.88 -32.76
N ASN D 41 -12.21 -12.55 -32.69
CA ASN D 41 -12.27 -13.99 -32.45
C ASN D 41 -11.43 -14.32 -31.22
N PRO D 42 -11.83 -13.87 -30.04
CA PRO D 42 -10.99 -14.03 -28.85
C PRO D 42 -10.72 -15.51 -28.57
N ARG D 43 -9.43 -15.83 -28.48
CA ARG D 43 -8.96 -17.21 -28.47
C ARG D 43 -7.74 -17.25 -27.57
N TYR D 44 -7.60 -18.32 -26.80
CA TYR D 44 -6.33 -18.54 -26.12
C TYR D 44 -5.20 -18.67 -27.15
N GLU D 45 -4.08 -17.99 -26.91
CA GLU D 45 -3.05 -17.95 -27.94
C GLU D 45 -1.65 -18.25 -27.41
N PRO D 46 -0.82 -18.94 -28.19
CA PRO D 46 0.62 -19.01 -27.93
C PRO D 46 1.27 -17.64 -27.80
N ARG D 47 2.18 -17.51 -26.84
CA ARG D 47 3.12 -16.38 -26.86
C ARG D 47 4.55 -16.85 -26.60
N ALA D 48 4.78 -18.15 -26.67
CA ALA D 48 6.12 -18.71 -26.74
C ALA D 48 6.06 -19.85 -27.74
N ARG D 49 7.19 -20.13 -28.35
CA ARG D 49 7.18 -21.05 -29.46
C ARG D 49 7.14 -22.52 -29.02
N TRP D 50 7.66 -22.87 -27.84
CA TRP D 50 7.61 -24.28 -27.44
C TRP D 50 6.19 -24.77 -27.20
N ILE D 51 5.25 -23.87 -26.86
CA ILE D 51 3.86 -24.27 -26.63
C ILE D 51 3.07 -24.42 -27.92
N GLU D 52 3.54 -23.91 -29.06
CA GLU D 52 2.74 -23.96 -30.27
C GLU D 52 2.63 -25.36 -30.86
N GLN D 53 3.37 -26.33 -30.33
CA GLN D 53 3.22 -27.72 -30.74
C GLN D 53 1.89 -28.34 -30.34
N GLU D 54 1.15 -27.76 -29.40
CA GLU D 54 -0.04 -28.47 -28.93
C GLU D 54 -1.16 -28.37 -29.94
N GLY D 55 -1.93 -29.45 -30.05
CA GLY D 55 -2.95 -29.58 -31.05
C GLY D 55 -4.15 -28.70 -30.79
N PRO D 56 -5.12 -28.74 -31.70
CA PRO D 56 -6.27 -27.83 -31.58
C PRO D 56 -7.14 -28.11 -30.36
N GLU D 57 -7.12 -29.33 -29.82
CA GLU D 57 -7.89 -29.61 -28.62
C GLU D 57 -7.39 -28.80 -27.44
N TYR D 58 -6.06 -28.68 -27.29
CA TYR D 58 -5.50 -27.88 -26.21
C TYR D 58 -5.99 -26.44 -26.30
N TRP D 59 -5.95 -25.86 -27.49
CA TRP D 59 -6.35 -24.46 -27.64
C TRP D 59 -7.86 -24.27 -27.51
N GLU D 60 -8.65 -25.13 -28.14
CA GLU D 60 -10.09 -24.99 -27.98
C GLU D 60 -10.49 -25.24 -26.52
N ARG D 61 -9.81 -26.17 -25.83
CA ARG D 61 -10.19 -26.46 -24.45
C ARG D 61 -9.83 -25.29 -23.54
N GLU D 62 -8.71 -24.62 -23.82
CA GLU D 62 -8.34 -23.47 -23.01
C GLU D 62 -9.16 -22.24 -23.36
N THR D 63 -9.62 -22.16 -24.62
CA THR D 63 -10.51 -21.06 -24.96
C THR D 63 -11.87 -21.22 -24.30
N ARG D 64 -12.36 -22.46 -24.20
CA ARG D 64 -13.59 -22.69 -23.44
C ARG D 64 -13.43 -22.28 -21.98
N ARG D 65 -12.32 -22.68 -21.35
CA ARG D 65 -12.19 -22.43 -19.92
C ARG D 65 -11.98 -20.95 -19.66
N ALA D 66 -11.26 -20.26 -20.55
CA ALA D 66 -11.14 -18.81 -20.40
C ALA D 66 -12.50 -18.15 -20.54
N LYS D 67 -13.30 -18.59 -21.52
CA LYS D 67 -14.60 -17.98 -21.78
C LYS D 67 -15.58 -18.27 -20.65
N GLY D 68 -15.50 -19.45 -20.03
CA GLY D 68 -16.28 -19.70 -18.84
C GLY D 68 -15.85 -18.80 -17.70
N ASN D 69 -14.53 -18.66 -17.51
CA ASN D 69 -14.01 -17.75 -16.49
C ASN D 69 -14.50 -16.32 -16.71
N GLU D 70 -14.50 -15.86 -17.96
CA GLU D 70 -14.98 -14.51 -18.27
C GLU D 70 -16.39 -14.28 -17.74
N GLN D 71 -17.27 -15.26 -17.91
CA GLN D 71 -18.64 -15.11 -17.42
C GLN D 71 -18.69 -15.05 -15.90
N SER D 72 -17.86 -15.84 -15.21
CA SER D 72 -17.84 -15.77 -13.76
C SER D 72 -17.41 -14.39 -13.27
N PHE D 73 -16.40 -13.81 -13.92
CA PHE D 73 -15.92 -12.49 -13.50
C PHE D 73 -16.91 -11.39 -13.79
N ARG D 74 -17.70 -11.52 -14.86
CA ARG D 74 -18.76 -10.56 -15.08
C ARG D 74 -19.72 -10.53 -13.90
N VAL D 75 -20.05 -11.71 -13.36
CA VAL D 75 -20.99 -11.74 -12.25
C VAL D 75 -20.29 -11.24 -10.99
N ASP D 76 -19.02 -11.61 -10.81
CA ASP D 76 -18.25 -11.16 -9.65
C ASP D 76 -18.11 -9.64 -9.62
N LEU D 77 -17.93 -9.02 -10.79
CA LEU D 77 -17.82 -7.56 -10.81
C LEU D 77 -19.11 -6.89 -10.36
N ARG D 78 -20.28 -7.40 -10.79
CA ARG D 78 -21.50 -6.78 -10.28
C ARG D 78 -21.74 -7.12 -8.84
N THR D 79 -21.31 -8.31 -8.40
CA THR D 79 -21.42 -8.65 -6.99
C THR D 79 -20.58 -7.70 -6.13
N ALA D 80 -19.39 -7.35 -6.61
CA ALA D 80 -18.55 -6.42 -5.86
C ALA D 80 -19.25 -5.10 -5.62
N LEU D 81 -19.99 -4.60 -6.62
CA LEU D 81 -20.67 -3.33 -6.46
C LEU D 81 -21.74 -3.40 -5.37
N ARG D 82 -22.38 -4.56 -5.20
CA ARG D 82 -23.31 -4.67 -4.09
C ARG D 82 -22.60 -4.83 -2.75
N TYR D 83 -21.51 -5.61 -2.72
CA TYR D 83 -20.78 -5.79 -1.47
C TYR D 83 -20.27 -4.46 -0.94
N TYR D 84 -19.77 -3.60 -1.83
CA TYR D 84 -19.15 -2.35 -1.45
C TYR D 84 -20.04 -1.14 -1.71
N ASN D 85 -21.29 -1.37 -2.13
CA ASN D 85 -22.27 -0.30 -2.34
C ASN D 85 -21.73 0.79 -3.28
N GLN D 86 -21.21 0.37 -4.42
CA GLN D 86 -20.63 1.28 -5.40
C GLN D 86 -21.58 1.47 -6.58
N SER D 87 -21.61 2.69 -7.10
CA SER D 87 -22.38 3.01 -8.30
C SER D 87 -21.92 2.17 -9.48
N ALA D 88 -22.87 1.83 -10.35
CA ALA D 88 -22.57 1.16 -11.61
C ALA D 88 -21.86 2.05 -12.63
N GLY D 89 -21.59 3.32 -12.32
CA GLY D 89 -20.96 4.19 -13.30
C GLY D 89 -19.46 4.08 -13.40
N GLY D 90 -18.79 3.66 -12.31
CA GLY D 90 -17.34 3.63 -12.27
C GLY D 90 -16.70 2.34 -12.77
N SER D 91 -15.43 2.44 -13.12
CA SER D 91 -14.65 1.29 -13.55
C SER D 91 -13.98 0.63 -12.35
N HIS D 92 -13.94 -0.70 -12.35
CA HIS D 92 -13.36 -1.46 -11.26
C HIS D 92 -12.59 -2.65 -11.80
N THR D 93 -11.68 -3.17 -10.97
CA THR D 93 -10.77 -4.21 -11.41
C THR D 93 -10.77 -5.36 -10.43
N LEU D 94 -10.91 -6.57 -10.96
CA LEU D 94 -10.84 -7.79 -10.19
C LEU D 94 -9.71 -8.61 -10.78
N GLN D 95 -8.81 -9.08 -9.91
CA GLN D 95 -7.61 -9.77 -10.31
C GLN D 95 -7.56 -11.12 -9.62
N TRP D 96 -6.93 -12.09 -10.30
CA TRP D 96 -6.85 -13.45 -9.81
C TRP D 96 -5.50 -14.00 -10.22
N MET D 97 -4.82 -14.64 -9.29
CA MET D 97 -3.54 -15.26 -9.53
C MET D 97 -3.62 -16.66 -8.96
N ALA D 98 -3.29 -17.65 -9.79
CA ALA D 98 -3.29 -19.04 -9.36
C ALA D 98 -2.13 -19.76 -10.01
N GLY D 99 -1.57 -20.75 -9.30
CA GLY D 99 -0.43 -21.47 -9.83
C GLY D 99 0.28 -22.28 -8.77
N CYS D 100 1.37 -22.92 -9.18
CA CYS D 100 2.08 -23.89 -8.34
C CYS D 100 3.58 -23.70 -8.43
N ASP D 101 4.26 -23.93 -7.31
CA ASP D 101 5.72 -24.02 -7.26
C ASP D 101 6.15 -25.47 -7.07
N VAL D 102 7.02 -25.93 -7.96
CA VAL D 102 7.46 -27.31 -8.05
C VAL D 102 8.98 -27.36 -7.93
N GLU D 103 9.48 -28.27 -7.11
CA GLU D 103 10.89 -28.58 -7.04
C GLU D 103 11.31 -29.34 -8.31
N SER D 104 12.62 -29.53 -8.49
CA SER D 104 13.10 -30.12 -9.73
C SER D 104 13.09 -31.64 -9.69
N ASP D 105 12.24 -32.22 -8.84
CA ASP D 105 11.86 -33.63 -8.93
C ASP D 105 10.42 -33.81 -9.42
N GLY D 106 9.48 -32.99 -8.94
CA GLY D 106 8.09 -33.11 -9.33
C GLY D 106 7.13 -33.00 -8.16
N ARG D 107 7.67 -32.61 -7.01
CA ARG D 107 6.91 -32.50 -5.77
C ARG D 107 6.46 -31.05 -5.57
N LEU D 108 5.17 -30.86 -5.32
CA LEU D 108 4.64 -29.51 -5.10
C LEU D 108 5.33 -28.86 -3.91
N LEU D 109 5.53 -27.55 -4.00
CA LEU D 109 6.12 -26.78 -2.92
C LEU D 109 5.25 -25.63 -2.42
N ARG D 110 4.32 -25.12 -3.24
CA ARG D 110 3.37 -24.10 -2.82
C ARG D 110 2.36 -23.90 -3.93
N GLY D 111 1.08 -23.82 -3.55
CA GLY D 111 0.00 -23.46 -4.46
C GLY D 111 -0.52 -22.07 -4.13
N TYR D 112 -0.99 -21.37 -5.14
CA TYR D 112 -1.58 -20.04 -4.97
C TYR D 112 -2.96 -19.99 -5.61
N TRP D 113 -3.88 -19.27 -4.95
CA TRP D 113 -5.23 -19.08 -5.50
C TRP D 113 -5.79 -17.88 -4.73
N GLN D 114 -5.62 -16.69 -5.30
CA GLN D 114 -5.88 -15.49 -4.54
C GLN D 114 -6.45 -14.41 -5.47
N PHE D 115 -7.15 -13.45 -4.86
CA PHE D 115 -7.88 -12.45 -5.59
C PHE D 115 -7.63 -11.08 -4.98
N ALA D 116 -7.83 -10.06 -5.80
CA ALA D 116 -7.76 -8.69 -5.35
C ALA D 116 -8.85 -7.88 -6.04
N TYR D 117 -9.37 -6.90 -5.33
CA TYR D 117 -10.39 -6.02 -5.87
C TYR D 117 -9.91 -4.57 -5.74
N ASP D 118 -10.01 -3.84 -6.85
CA ASP D 118 -9.45 -2.49 -7.00
C ASP D 118 -8.10 -2.35 -6.30
N GLY D 119 -7.21 -3.30 -6.56
CA GLY D 119 -5.84 -3.17 -6.14
C GLY D 119 -5.52 -3.61 -4.73
N CYS D 120 -6.51 -4.10 -3.96
CA CYS D 120 -6.26 -4.54 -2.60
C CYS D 120 -6.61 -6.02 -2.41
N ASP D 121 -5.84 -6.70 -1.56
CA ASP D 121 -6.13 -8.10 -1.21
C ASP D 121 -7.62 -8.27 -0.92
N TYR D 122 -8.21 -9.33 -1.47
CA TYR D 122 -9.61 -9.66 -1.19
C TYR D 122 -9.70 -10.99 -0.46
N ILE D 123 -9.34 -12.10 -1.10
CA ILE D 123 -9.34 -13.40 -0.43
C ILE D 123 -8.21 -14.22 -1.04
N ALA D 124 -7.61 -15.06 -0.22
CA ALA D 124 -6.51 -15.89 -0.67
C ALA D 124 -6.61 -17.26 -0.03
N LEU D 125 -6.27 -18.30 -0.79
CA LEU D 125 -6.23 -19.64 -0.23
C LEU D 125 -4.94 -19.80 0.53
N ASN D 126 -5.01 -20.36 1.74
CA ASN D 126 -3.82 -20.38 2.56
C ASN D 126 -2.90 -21.50 2.09
N GLU D 127 -1.71 -21.57 2.69
CA GLU D 127 -0.69 -22.42 2.11
C GLU D 127 -0.94 -23.87 2.47
N ASP D 128 -1.83 -24.12 3.43
CA ASP D 128 -2.33 -25.46 3.69
C ASP D 128 -3.28 -25.95 2.61
N LEU D 129 -3.68 -25.08 1.68
CA LEU D 129 -4.58 -25.43 0.58
C LEU D 129 -5.95 -25.87 1.08
N LYS D 130 -6.31 -25.51 2.32
CA LYS D 130 -7.56 -25.98 2.92
C LYS D 130 -8.44 -24.86 3.45
N THR D 131 -7.82 -23.75 3.87
CA THR D 131 -8.54 -22.65 4.51
C THR D 131 -8.27 -21.35 3.77
N TRP D 132 -9.15 -20.37 3.97
CA TRP D 132 -9.02 -19.08 3.31
C TRP D 132 -8.72 -17.97 4.30
N THR D 133 -8.08 -16.92 3.79
CA THR D 133 -7.91 -15.66 4.51
C THR D 133 -8.66 -14.57 3.76
N ALA D 134 -9.60 -13.92 4.45
CA ALA D 134 -10.44 -12.89 3.86
C ALA D 134 -9.97 -11.53 4.39
N ALA D 135 -9.82 -10.57 3.49
CA ALA D 135 -9.25 -9.27 3.88
C ALA D 135 -10.25 -8.40 4.62
N ASP D 136 -11.52 -8.38 4.20
CA ASP D 136 -12.51 -7.49 4.81
C ASP D 136 -13.85 -8.18 5.00
N MET D 137 -14.81 -7.40 5.52
CA MET D 137 -16.24 -7.68 5.53
C MET D 137 -16.73 -8.44 4.32
N ALA D 138 -16.63 -7.82 3.14
CA ALA D 138 -17.16 -8.42 1.91
C ALA D 138 -16.52 -9.77 1.63
N ALA D 139 -15.20 -9.86 1.75
CA ALA D 139 -14.51 -11.12 1.51
C ALA D 139 -14.95 -12.21 2.47
N GLN D 140 -15.38 -11.84 3.68
CA GLN D 140 -15.86 -12.84 4.62
C GLN D 140 -17.19 -13.42 4.17
N ILE D 141 -17.99 -12.65 3.44
CA ILE D 141 -19.17 -13.22 2.82
C ILE D 141 -18.76 -14.31 1.85
N THR D 142 -17.76 -13.99 1.00
CA THR D 142 -17.27 -14.94 0.02
C THR D 142 -16.65 -16.15 0.73
N ARG D 143 -15.84 -15.90 1.76
CA ARG D 143 -15.28 -16.98 2.57
C ARG D 143 -16.36 -17.97 3.01
N ARG D 144 -17.45 -17.47 3.62
CA ARG D 144 -18.44 -18.42 4.14
C ARG D 144 -19.15 -19.18 3.01
N LYS D 145 -19.39 -18.54 1.87
CA LYS D 145 -19.95 -19.30 0.76
C LYS D 145 -18.98 -20.36 0.27
N TRP D 146 -17.69 -20.04 0.20
CA TRP D 146 -16.71 -21.00 -0.32
C TRP D 146 -16.41 -22.11 0.68
N GLU D 147 -16.49 -21.81 1.99
CA GLU D 147 -16.39 -22.86 2.98
C GLU D 147 -17.54 -23.85 2.88
N GLN D 148 -18.77 -23.33 2.83
CA GLN D 148 -19.94 -24.21 2.71
C GLN D 148 -19.93 -24.99 1.42
N ALA D 149 -19.42 -24.39 0.34
CA ALA D 149 -19.48 -25.04 -0.96
C ALA D 149 -18.35 -26.04 -1.16
N GLY D 150 -17.35 -26.05 -0.29
CA GLY D 150 -16.17 -26.88 -0.48
C GLY D 150 -15.25 -26.42 -1.59
N ALA D 151 -15.09 -25.10 -1.77
CA ALA D 151 -14.30 -24.59 -2.87
C ALA D 151 -12.83 -25.01 -2.76
N ALA D 152 -12.26 -24.92 -1.55
CA ALA D 152 -10.83 -25.18 -1.40
C ALA D 152 -10.48 -26.58 -1.85
N GLU D 153 -11.34 -27.56 -1.56
CA GLU D 153 -11.04 -28.93 -1.95
C GLU D 153 -10.98 -29.07 -3.46
N ARG D 154 -11.86 -28.36 -4.17
CA ARG D 154 -11.81 -28.44 -5.63
C ARG D 154 -10.64 -27.64 -6.20
N ASP D 155 -10.40 -26.44 -5.67
CA ASP D 155 -9.27 -25.66 -6.16
C ASP D 155 -7.95 -26.35 -5.82
N ARG D 156 -7.88 -27.03 -4.68
CA ARG D 156 -6.64 -27.74 -4.33
C ARG D 156 -6.37 -28.90 -5.29
N ALA D 157 -7.42 -29.53 -5.80
CA ALA D 157 -7.24 -30.62 -6.77
C ALA D 157 -6.50 -30.12 -8.00
N TYR D 158 -6.82 -28.90 -8.45
CA TYR D 158 -6.09 -28.34 -9.59
C TYR D 158 -4.63 -28.08 -9.23
N LEU D 159 -4.38 -27.47 -8.08
CA LEU D 159 -3.01 -27.10 -7.74
C LEU D 159 -2.13 -28.33 -7.53
N GLU D 160 -2.66 -29.35 -6.84
CA GLU D 160 -1.91 -30.57 -6.59
C GLU D 160 -1.84 -31.46 -7.83
N GLY D 161 -2.83 -31.35 -8.72
CA GLY D 161 -2.95 -32.28 -9.83
C GLY D 161 -2.50 -31.72 -11.15
N GLU D 162 -3.37 -30.95 -11.81
CA GLU D 162 -3.05 -30.57 -13.17
C GLU D 162 -2.05 -29.43 -13.25
N CYS D 163 -1.89 -28.65 -12.18
CA CYS D 163 -0.91 -27.59 -12.27
C CYS D 163 0.50 -28.16 -12.18
N VAL D 164 0.66 -29.24 -11.41
CA VAL D 164 1.97 -29.87 -11.28
C VAL D 164 2.30 -30.71 -12.50
N GLU D 165 1.32 -31.48 -13.00
CA GLU D 165 1.60 -32.35 -14.13
C GLU D 165 1.87 -31.55 -15.39
N TRP D 166 1.10 -30.49 -15.62
CA TRP D 166 1.34 -29.72 -16.82
C TRP D 166 2.60 -28.88 -16.71
N LEU D 167 2.90 -28.34 -15.52
CA LEU D 167 4.19 -27.70 -15.28
C LEU D 167 5.38 -28.58 -15.61
N ARG D 168 5.54 -29.68 -14.86
CA ARG D 168 6.66 -30.60 -15.07
C ARG D 168 6.84 -30.90 -16.54
N ARG D 169 5.74 -31.05 -17.22
CA ARG D 169 5.75 -31.38 -18.62
C ARG D 169 6.00 -30.16 -19.55
N TYR D 170 5.52 -28.95 -19.21
CA TYR D 170 5.91 -27.79 -20.00
C TYR D 170 7.42 -27.63 -19.98
N LEU D 171 8.06 -27.90 -18.84
CA LEU D 171 9.50 -27.80 -18.73
C LEU D 171 10.24 -28.76 -19.67
N LYS D 172 9.76 -30.00 -19.81
CA LYS D 172 10.37 -30.94 -20.78
C LYS D 172 10.30 -30.35 -22.19
N ASN D 173 9.13 -29.91 -22.63
CA ASN D 173 8.93 -29.55 -24.03
C ASN D 173 9.59 -28.21 -24.35
N GLY D 174 9.78 -27.34 -23.37
CA GLY D 174 10.48 -26.09 -23.60
C GLY D 174 11.84 -26.09 -22.93
N ASN D 175 12.38 -27.31 -22.71
CA ASN D 175 13.65 -27.46 -22.01
C ASN D 175 14.73 -26.53 -22.55
N ALA D 176 14.84 -26.44 -23.87
CA ALA D 176 15.97 -25.72 -24.48
C ALA D 176 16.02 -24.28 -24.01
N THR D 177 14.85 -23.65 -23.85
CA THR D 177 14.74 -22.26 -23.42
C THR D 177 14.39 -22.11 -21.95
N LEU D 178 13.51 -22.98 -21.40
CA LEU D 178 13.07 -22.79 -20.02
C LEU D 178 14.12 -23.19 -19.00
N LEU D 179 14.95 -24.19 -19.27
CA LEU D 179 15.95 -24.56 -18.28
C LEU D 179 17.35 -24.14 -18.72
N ARG D 180 17.42 -23.13 -19.58
CA ARG D 180 18.64 -22.39 -19.78
C ARG D 180 18.84 -21.47 -18.59
N THR D 181 20.10 -21.24 -18.23
CA THR D 181 20.46 -20.15 -17.35
C THR D 181 21.50 -19.32 -18.05
N ASP D 182 21.30 -18.00 -18.04
CA ASP D 182 22.25 -17.07 -18.64
C ASP D 182 22.85 -16.28 -17.49
N PRO D 183 24.13 -16.47 -17.21
CA PRO D 183 24.74 -15.72 -16.13
C PRO D 183 24.80 -14.24 -16.50
N PRO D 184 24.78 -13.36 -15.51
CA PRO D 184 25.01 -11.94 -15.81
C PRO D 184 26.42 -11.68 -16.32
N LYS D 185 26.51 -10.76 -17.27
CA LYS D 185 27.77 -10.14 -17.67
C LYS D 185 27.84 -8.81 -16.91
N ALA D 186 28.85 -8.67 -16.06
CA ALA D 186 28.91 -7.58 -15.10
C ALA D 186 30.13 -6.69 -15.35
N HIS D 187 29.96 -5.39 -15.07
CA HIS D 187 31.06 -4.44 -15.12
C HIS D 187 30.68 -3.23 -14.29
N VAL D 188 31.68 -2.42 -13.95
CA VAL D 188 31.50 -1.23 -13.12
C VAL D 188 31.81 -0.01 -13.97
N THR D 189 30.93 0.98 -13.94
CA THR D 189 31.14 2.25 -14.59
C THR D 189 31.40 3.33 -13.55
N HIS D 190 32.15 4.33 -13.97
CA HIS D 190 32.67 5.36 -13.08
C HIS D 190 32.16 6.70 -13.57
N HIS D 191 31.54 7.49 -12.68
CA HIS D 191 31.04 8.80 -13.10
C HIS D 191 31.41 9.87 -12.08
N ARG D 192 32.01 10.93 -12.58
CA ARG D 192 32.42 12.04 -11.73
C ARG D 192 31.21 12.95 -11.50
N ARG D 193 31.01 13.37 -10.25
CA ARG D 193 29.82 14.16 -9.97
C ARG D 193 30.16 15.64 -9.76
N PRO D 194 29.19 16.54 -9.94
CA PRO D 194 29.51 17.97 -9.95
C PRO D 194 29.89 18.53 -8.60
N GLU D 195 29.78 17.77 -7.51
CA GLU D 195 30.25 18.27 -6.22
C GLU D 195 31.36 17.42 -5.61
N GLY D 196 32.22 16.84 -6.44
CA GLY D 196 33.53 16.41 -6.02
C GLY D 196 33.71 14.92 -5.86
N ASP D 197 32.62 14.18 -5.63
CA ASP D 197 32.71 12.74 -5.45
C ASP D 197 32.38 11.99 -6.74
N VAL D 198 32.24 10.68 -6.62
CA VAL D 198 32.18 9.76 -7.74
C VAL D 198 31.00 8.83 -7.51
N THR D 199 30.26 8.56 -8.58
CA THR D 199 29.28 7.47 -8.60
C THR D 199 29.96 6.24 -9.19
N LEU D 200 29.86 5.13 -8.49
CA LEU D 200 30.23 3.85 -9.08
C LEU D 200 28.98 3.04 -9.28
N ARG D 201 28.79 2.56 -10.52
CA ARG D 201 27.57 1.87 -10.90
C ARG D 201 27.96 0.46 -11.31
N CYS D 202 27.41 -0.53 -10.63
CA CYS D 202 27.70 -1.92 -10.92
C CYS D 202 26.57 -2.49 -11.78
N TRP D 203 26.90 -2.91 -13.00
CA TRP D 203 25.92 -3.37 -13.98
C TRP D 203 25.88 -4.90 -14.03
N ALA D 204 24.67 -5.46 -14.15
CA ALA D 204 24.48 -6.87 -14.45
C ALA D 204 23.58 -6.97 -15.67
N LEU D 205 24.08 -7.59 -16.74
CA LEU D 205 23.35 -7.59 -18.01
C LEU D 205 23.24 -8.98 -18.63
N GLY D 206 22.20 -9.13 -19.44
CA GLY D 206 21.93 -10.36 -20.17
C GLY D 206 21.76 -11.62 -19.35
N PHE D 207 21.13 -11.54 -18.18
CA PHE D 207 20.98 -12.71 -17.33
C PHE D 207 19.56 -13.27 -17.38
N TYR D 208 19.46 -14.57 -17.08
CA TYR D 208 18.18 -15.28 -16.95
C TYR D 208 18.38 -16.49 -16.03
N PRO D 209 17.44 -16.71 -15.11
CA PRO D 209 16.19 -15.99 -14.85
C PRO D 209 16.39 -14.64 -14.15
N ALA D 210 15.28 -14.01 -13.75
CA ALA D 210 15.30 -12.63 -13.30
C ALA D 210 15.91 -12.45 -11.92
N ASP D 211 15.80 -13.46 -11.05
CA ASP D 211 16.29 -13.31 -9.68
C ASP D 211 17.80 -13.06 -9.69
N ILE D 212 18.24 -12.06 -8.93
CA ILE D 212 19.66 -11.74 -8.83
C ILE D 212 19.87 -10.92 -7.56
N THR D 213 21.08 -10.94 -7.04
CA THR D 213 21.43 -10.14 -5.87
C THR D 213 22.67 -9.33 -6.18
N LEU D 214 22.55 -8.02 -5.99
CA LEU D 214 23.58 -7.05 -6.34
C LEU D 214 23.82 -6.23 -5.09
N THR D 215 25.05 -6.26 -4.57
CA THR D 215 25.38 -5.50 -3.38
C THR D 215 26.77 -4.90 -3.51
N TRP D 216 26.98 -3.80 -2.79
CA TRP D 216 28.28 -3.17 -2.69
C TRP D 216 28.81 -3.38 -1.28
N GLN D 217 30.12 -3.54 -1.16
CA GLN D 217 30.74 -3.63 0.16
C GLN D 217 31.89 -2.65 0.23
N LEU D 218 32.13 -2.16 1.44
CA LEU D 218 33.26 -1.32 1.78
C LEU D 218 34.02 -1.99 2.93
N ASN D 219 35.25 -2.42 2.65
CA ASN D 219 36.06 -3.09 3.67
C ASN D 219 35.33 -4.28 4.28
N GLY D 220 34.61 -5.01 3.44
CA GLY D 220 33.99 -6.25 3.87
C GLY D 220 32.60 -6.14 4.47
N GLU D 221 32.08 -4.93 4.64
CA GLU D 221 30.73 -4.76 5.17
C GLU D 221 29.81 -4.25 4.07
N GLU D 222 28.59 -4.77 4.04
CA GLU D 222 27.68 -4.46 2.96
C GLU D 222 27.08 -3.08 3.20
N LEU D 223 26.86 -2.33 2.12
CA LEU D 223 26.43 -0.94 2.22
C LEU D 223 24.93 -0.81 1.93
N THR D 224 24.15 -1.42 2.79
CA THR D 224 22.74 -1.65 2.47
C THR D 224 21.94 -0.36 2.45
N GLN D 225 22.26 0.60 3.32
CA GLN D 225 21.52 1.86 3.34
C GLN D 225 22.05 2.88 2.34
N GLU D 226 23.31 2.77 1.92
CA GLU D 226 23.90 3.78 1.05
C GLU D 226 23.67 3.47 -0.43
N MET D 227 23.33 2.24 -0.75
CA MET D 227 23.25 1.77 -2.13
C MET D 227 21.96 2.21 -2.82
N GLU D 228 22.07 2.57 -4.09
CA GLU D 228 20.89 2.80 -4.92
C GLU D 228 20.74 1.69 -5.93
N LEU D 229 19.52 1.19 -6.10
CA LEU D 229 19.28 0.16 -7.09
C LEU D 229 18.09 0.52 -7.95
N VAL D 230 18.04 -0.08 -9.14
CA VAL D 230 16.88 0.04 -10.00
C VAL D 230 16.19 -1.30 -9.95
N GLU D 231 14.89 -1.29 -10.23
CA GLU D 231 14.14 -2.53 -10.36
C GLU D 231 14.70 -3.32 -11.53
N THR D 232 14.78 -4.63 -11.36
CA THR D 232 15.20 -5.51 -12.44
C THR D 232 14.27 -5.33 -13.63
N ARG D 233 14.84 -5.28 -14.83
CA ARG D 233 14.09 -4.85 -16.00
C ARG D 233 14.40 -5.75 -17.19
N PRO D 234 13.41 -6.03 -18.06
CA PRO D 234 13.68 -6.88 -19.23
C PRO D 234 14.46 -6.14 -20.31
N ALA D 235 15.45 -6.82 -20.86
CA ALA D 235 16.11 -6.30 -22.06
C ALA D 235 15.22 -6.39 -23.30
N GLY D 236 14.23 -7.29 -23.30
CA GLY D 236 13.34 -7.48 -24.43
C GLY D 236 13.71 -8.64 -25.32
N ASP D 237 14.84 -9.29 -25.06
CA ASP D 237 15.28 -10.45 -25.82
C ASP D 237 15.27 -11.74 -25.00
N GLY D 238 14.58 -11.74 -23.86
CA GLY D 238 14.51 -12.88 -22.98
C GLY D 238 15.40 -12.79 -21.76
N THR D 239 16.33 -11.84 -21.71
CA THR D 239 17.20 -11.63 -20.56
C THR D 239 16.80 -10.36 -19.81
N PHE D 240 17.47 -10.12 -18.68
CA PHE D 240 17.15 -9.02 -17.79
C PHE D 240 18.40 -8.19 -17.51
N GLN D 241 18.18 -7.02 -16.93
CA GLN D 241 19.24 -6.09 -16.54
C GLN D 241 18.97 -5.54 -15.16
N LYS D 242 20.05 -5.14 -14.48
CA LYS D 242 19.92 -4.49 -13.17
C LYS D 242 21.21 -3.72 -12.92
N TRP D 243 21.13 -2.66 -12.13
CA TRP D 243 22.35 -2.06 -11.64
C TRP D 243 22.16 -1.54 -10.23
N ALA D 244 23.30 -1.39 -9.55
CA ALA D 244 23.40 -0.86 -8.20
C ALA D 244 24.54 0.14 -8.14
N SER D 245 24.35 1.23 -7.40
CA SER D 245 25.36 2.27 -7.36
C SER D 245 25.61 2.73 -5.93
N VAL D 246 26.79 3.32 -5.74
CA VAL D 246 27.18 3.99 -4.50
C VAL D 246 27.95 5.25 -4.89
N VAL D 247 27.91 6.23 -3.98
CA VAL D 247 28.66 7.48 -4.12
C VAL D 247 29.88 7.38 -3.23
N VAL D 248 31.07 7.54 -3.81
CA VAL D 248 32.29 7.29 -3.06
C VAL D 248 33.24 8.47 -3.25
N PRO D 249 34.19 8.66 -2.32
CA PRO D 249 35.10 9.80 -2.43
C PRO D 249 36.09 9.62 -3.57
N LEU D 250 36.47 10.72 -4.19
CA LEU D 250 37.43 10.63 -5.28
C LEU D 250 38.78 10.14 -4.75
N GLY D 251 39.39 9.23 -5.49
CA GLY D 251 40.62 8.59 -5.07
C GLY D 251 40.48 7.40 -4.15
N LYS D 252 39.25 6.99 -3.78
CA LYS D 252 39.07 5.84 -2.91
C LYS D 252 38.18 4.78 -3.55
N GLU D 253 38.13 4.75 -4.88
CA GLU D 253 37.21 3.83 -5.54
C GLU D 253 37.60 2.37 -5.35
N GLN D 254 38.89 2.09 -5.23
CA GLN D 254 39.32 0.71 -5.17
C GLN D 254 39.07 0.05 -3.82
N LYS D 255 38.51 0.79 -2.85
CA LYS D 255 38.13 0.21 -1.57
C LYS D 255 36.73 -0.40 -1.62
N TYR D 256 36.03 -0.27 -2.74
CA TYR D 256 34.64 -0.70 -2.86
C TYR D 256 34.57 -1.87 -3.84
N THR D 257 33.79 -2.90 -3.48
CA THR D 257 33.61 -4.09 -4.31
C THR D 257 32.14 -4.34 -4.54
N CYS D 258 31.78 -4.70 -5.76
CA CYS D 258 30.42 -5.09 -6.11
C CYS D 258 30.34 -6.61 -6.13
N HIS D 259 29.26 -7.16 -5.58
CA HIS D 259 29.08 -8.60 -5.48
C HIS D 259 27.79 -9.03 -6.15
N VAL D 260 27.89 -10.00 -7.06
CA VAL D 260 26.78 -10.43 -7.89
C VAL D 260 26.51 -11.91 -7.59
N GLU D 261 25.27 -12.23 -7.22
CA GLU D 261 24.85 -13.60 -7.03
C GLU D 261 23.70 -13.92 -7.97
N HIS D 262 23.79 -15.07 -8.62
CA HIS D 262 22.79 -15.45 -9.62
C HIS D 262 22.89 -16.94 -9.87
N GLU D 263 21.74 -17.54 -10.22
CA GLU D 263 21.68 -18.99 -10.46
C GLU D 263 22.66 -19.47 -11.51
N GLY D 264 22.96 -18.63 -12.49
CA GLY D 264 23.90 -18.99 -13.53
C GLY D 264 25.36 -18.89 -13.18
N LEU D 265 25.68 -18.51 -11.95
CA LEU D 265 27.10 -18.44 -11.61
C LEU D 265 27.49 -19.49 -10.60
N PRO D 266 28.53 -20.27 -10.90
CA PRO D 266 29.00 -21.28 -9.94
C PRO D 266 29.46 -20.67 -8.64
N GLU D 267 30.09 -19.50 -8.72
CA GLU D 267 30.43 -18.72 -7.55
C GLU D 267 30.06 -17.26 -7.81
N PRO D 268 29.75 -16.52 -6.76
CA PRO D 268 29.44 -15.10 -6.92
C PRO D 268 30.59 -14.35 -7.59
N LEU D 269 30.24 -13.26 -8.27
CA LEU D 269 31.24 -12.41 -8.88
C LEU D 269 31.61 -11.28 -7.92
N THR D 270 32.89 -10.93 -7.89
CA THR D 270 33.37 -9.74 -7.20
C THR D 270 34.04 -8.83 -8.19
N LEU D 271 33.60 -7.58 -8.25
CA LEU D 271 34.13 -6.60 -9.17
C LEU D 271 34.60 -5.38 -8.40
N ARG D 272 35.44 -4.60 -9.06
CA ARG D 272 36.08 -3.45 -8.48
C ARG D 272 36.46 -2.53 -9.63
N TRP D 273 36.17 -1.24 -9.49
CA TRP D 273 36.57 -0.28 -10.51
C TRP D 273 38.08 -0.31 -10.72
N ILE E 2 -7.66 1.85 -4.26
CA ILE E 2 -6.27 2.27 -4.17
C ILE E 2 -5.72 2.53 -5.57
N GLN E 3 -5.10 3.69 -5.77
CA GLN E 3 -4.45 4.05 -7.03
C GLN E 3 -2.97 4.31 -6.79
N LYS E 4 -2.14 3.82 -7.71
CA LYS E 4 -0.70 3.97 -7.66
C LYS E 4 -0.18 4.46 -9.00
N THR E 5 0.74 5.41 -8.93
CA THR E 5 1.37 6.05 -10.08
C THR E 5 2.41 5.12 -10.71
N PRO E 6 2.51 5.10 -12.03
CA PRO E 6 3.54 4.27 -12.69
C PRO E 6 4.97 4.69 -12.35
N GLN E 7 5.85 3.69 -12.26
CA GLN E 7 7.29 3.93 -12.32
C GLN E 7 7.75 3.65 -13.75
N ILE E 8 8.78 4.38 -14.19
CA ILE E 8 9.20 4.32 -15.59
C ILE E 8 10.72 4.20 -15.64
N GLN E 9 11.22 3.24 -16.42
CA GLN E 9 12.64 3.20 -16.77
C GLN E 9 12.74 3.28 -18.28
N VAL E 10 13.67 4.09 -18.77
CA VAL E 10 13.91 4.20 -20.21
C VAL E 10 15.37 3.84 -20.42
N TYR E 11 15.62 2.83 -21.26
CA TYR E 11 16.95 2.27 -21.38
C TYR E 11 17.05 1.47 -22.67
N SER E 12 18.27 1.35 -23.17
CA SER E 12 18.58 0.55 -24.36
C SER E 12 18.73 -0.93 -24.03
N ARG E 13 18.44 -1.78 -25.02
CA ARG E 13 18.66 -3.19 -24.80
C ARG E 13 20.13 -3.59 -24.86
N HIS E 14 20.94 -2.94 -25.69
CA HIS E 14 22.38 -3.16 -25.69
C HIS E 14 23.12 -1.88 -25.31
N PRO E 15 24.38 -2.01 -24.90
CA PRO E 15 25.19 -0.83 -24.56
C PRO E 15 25.14 0.20 -25.67
N PRO E 16 24.76 1.43 -25.34
CA PRO E 16 24.59 2.45 -26.39
C PRO E 16 25.94 2.89 -26.96
N GLU E 17 26.00 2.93 -28.30
CA GLU E 17 27.12 3.53 -29.04
C GLU E 17 26.56 4.35 -30.17
N ASN E 18 27.06 5.57 -30.37
CA ASN E 18 26.40 6.43 -31.33
C ASN E 18 26.69 5.95 -32.75
N GLY E 19 25.69 6.08 -33.62
CA GLY E 19 25.78 5.48 -34.94
C GLY E 19 25.43 4.01 -35.04
N LYS E 20 25.15 3.33 -33.91
CA LYS E 20 24.85 1.92 -34.10
C LYS E 20 23.42 1.58 -33.73
N PRO E 21 22.75 0.72 -34.49
CA PRO E 21 21.32 0.52 -34.26
C PRO E 21 21.11 -0.32 -33.01
N ASN E 22 19.97 -0.11 -32.38
CA ASN E 22 19.75 -0.60 -31.04
C ASN E 22 18.25 -0.59 -30.80
N ILE E 23 17.86 -0.97 -29.61
CA ILE E 23 16.46 -0.99 -29.22
C ILE E 23 16.31 -0.21 -27.93
N LEU E 24 15.36 0.71 -27.90
CA LEU E 24 15.10 1.51 -26.72
C LEU E 24 13.82 1.02 -26.04
N ASN E 25 13.93 0.79 -24.75
CA ASN E 25 12.85 0.22 -23.94
C ASN E 25 12.27 1.30 -23.07
N CYS E 26 10.95 1.23 -22.88
CA CYS E 26 10.33 2.00 -21.82
C CYS E 26 9.49 1.03 -20.99
N TYR E 27 9.97 0.77 -19.79
CA TYR E 27 9.41 -0.24 -18.89
C TYR E 27 8.59 0.48 -17.83
N VAL E 28 7.26 0.23 -17.81
CA VAL E 28 6.34 0.97 -16.95
C VAL E 28 5.77 -0.03 -15.95
N THR E 29 5.96 0.23 -14.65
CA THR E 29 5.62 -0.75 -13.62
C THR E 29 4.85 -0.08 -12.48
N GLN E 30 4.33 -0.92 -11.59
CA GLN E 30 3.80 -0.49 -10.29
C GLN E 30 2.60 0.44 -10.38
N PHE E 31 1.77 0.34 -11.42
CA PHE E 31 0.60 1.21 -11.52
C PHE E 31 -0.69 0.43 -11.32
N HIS E 32 -1.71 1.16 -10.89
CA HIS E 32 -3.07 0.64 -10.70
C HIS E 32 -4.00 1.84 -10.71
N PRO E 33 -5.14 1.76 -11.42
CA PRO E 33 -5.72 0.76 -12.34
C PRO E 33 -4.91 0.55 -13.61
N PRO E 34 -5.25 -0.48 -14.41
CA PRO E 34 -4.43 -0.79 -15.60
C PRO E 34 -4.52 0.22 -16.76
N HIS E 35 -5.49 1.13 -16.80
CA HIS E 35 -5.61 2.05 -17.93
C HIS E 35 -4.40 2.94 -18.03
N ILE E 36 -3.74 2.96 -19.19
CA ILE E 36 -2.52 3.75 -19.32
C ILE E 36 -2.29 4.04 -20.78
N GLU E 37 -1.63 5.16 -21.05
CA GLU E 37 -1.19 5.50 -22.40
C GLU E 37 0.28 5.86 -22.36
N ILE E 38 1.01 5.29 -23.31
CA ILE E 38 2.46 5.38 -23.38
C ILE E 38 2.87 5.84 -24.77
N GLN E 39 3.77 6.83 -24.82
CA GLN E 39 4.35 7.35 -26.06
C GLN E 39 5.85 7.38 -25.92
N MET E 40 6.55 6.95 -26.95
CA MET E 40 7.98 7.19 -27.01
C MET E 40 8.30 8.29 -28.02
N LEU E 41 9.26 9.14 -27.65
CA LEU E 41 9.51 10.41 -28.32
C LEU E 41 10.97 10.50 -28.74
N LYS E 42 11.20 11.16 -29.87
CA LYS E 42 12.54 11.52 -30.29
C LYS E 42 12.56 12.99 -30.66
N ASN E 43 13.39 13.78 -29.97
CA ASN E 43 13.41 15.24 -30.09
C ASN E 43 12.02 15.85 -30.14
N GLY E 44 11.18 15.46 -29.19
CA GLY E 44 9.86 16.04 -29.05
C GLY E 44 8.82 15.50 -30.01
N LYS E 45 9.18 14.57 -30.87
CA LYS E 45 8.28 14.05 -31.88
C LYS E 45 7.96 12.60 -31.54
N LYS E 46 6.74 12.20 -31.84
CA LYS E 46 6.34 10.86 -31.47
C LYS E 46 6.98 9.84 -32.42
N ILE E 47 7.47 8.74 -31.86
CA ILE E 47 8.11 7.69 -32.66
C ILE E 47 7.03 6.80 -33.23
N PRO E 48 6.99 6.55 -34.55
CA PRO E 48 5.76 5.95 -35.07
C PRO E 48 5.57 4.49 -34.78
N LYS E 49 6.55 3.65 -35.08
CA LYS E 49 6.43 2.23 -34.79
C LYS E 49 6.86 2.03 -33.34
N VAL E 50 5.94 1.72 -32.43
CA VAL E 50 6.35 1.31 -31.09
C VAL E 50 5.61 0.04 -30.75
N GLU E 51 6.32 -0.96 -30.24
CA GLU E 51 5.71 -2.24 -29.92
C GLU E 51 5.46 -2.30 -28.42
N MET E 52 4.30 -2.83 -28.05
CA MET E 52 3.89 -2.95 -26.65
C MET E 52 3.80 -4.43 -26.31
N SER E 53 4.40 -4.83 -25.19
CA SER E 53 4.18 -6.19 -24.72
C SER E 53 2.75 -6.34 -24.21
N ASP E 54 2.35 -7.58 -23.94
CA ASP E 54 1.16 -7.82 -23.14
C ASP E 54 1.35 -7.25 -21.75
N MET E 55 0.28 -6.75 -21.15
CA MET E 55 0.37 -6.25 -19.79
C MET E 55 0.09 -7.39 -18.81
N SER E 56 0.78 -7.39 -17.67
CA SER E 56 0.54 -8.35 -16.60
C SER E 56 0.64 -7.62 -15.27
N PHE E 57 0.66 -8.37 -14.17
CA PHE E 57 0.80 -7.74 -12.86
C PHE E 57 1.74 -8.56 -11.99
N SER E 58 2.21 -7.91 -10.92
CA SER E 58 3.22 -8.44 -10.02
C SER E 58 2.58 -9.02 -8.76
N LYS E 59 3.44 -9.51 -7.86
CA LYS E 59 3.02 -10.08 -6.59
C LYS E 59 2.12 -9.13 -5.82
N ASP E 60 2.41 -7.83 -5.88
CA ASP E 60 1.62 -6.87 -5.12
C ASP E 60 0.41 -6.36 -5.90
N TRP E 61 0.12 -6.98 -7.05
CA TRP E 61 -1.04 -6.74 -7.91
C TRP E 61 -0.89 -5.53 -8.82
N SER E 62 0.12 -4.67 -8.64
CA SER E 62 0.38 -3.59 -9.58
C SER E 62 0.73 -4.11 -10.97
N PHE E 63 0.35 -3.37 -12.00
CA PHE E 63 0.57 -3.81 -13.37
C PHE E 63 1.94 -3.35 -13.89
N TYR E 64 2.34 -3.96 -15.00
CA TYR E 64 3.58 -3.63 -15.67
C TYR E 64 3.44 -3.95 -17.16
N ILE E 65 4.20 -3.22 -17.97
CA ILE E 65 4.15 -3.37 -19.42
C ILE E 65 5.46 -2.83 -19.99
N LEU E 66 5.87 -3.35 -21.13
CA LEU E 66 7.10 -2.88 -21.76
C LEU E 66 6.79 -2.37 -23.16
N ALA E 67 7.22 -1.14 -23.45
CA ALA E 67 7.13 -0.59 -24.79
C ALA E 67 8.54 -0.49 -25.35
N HIS E 68 8.69 -0.67 -26.66
CA HIS E 68 10.02 -0.61 -27.25
C HIS E 68 10.00 -0.28 -28.74
N THR E 69 11.11 0.30 -29.19
CA THR E 69 11.25 0.68 -30.59
C THR E 69 12.71 0.63 -31.01
N GLU E 70 12.93 0.51 -32.31
CA GLU E 70 14.28 0.56 -32.81
C GLU E 70 14.73 2.02 -32.82
N PHE E 71 16.03 2.22 -32.59
CA PHE E 71 16.57 3.57 -32.63
C PHE E 71 18.08 3.46 -32.84
N THR E 72 18.64 4.54 -33.34
CA THR E 72 20.09 4.64 -33.47
C THR E 72 20.52 5.90 -32.72
N PRO E 73 21.12 5.76 -31.54
CA PRO E 73 21.48 6.95 -30.75
C PRO E 73 22.59 7.77 -31.38
N THR E 74 22.55 9.09 -31.11
CA THR E 74 23.60 10.01 -31.55
C THR E 74 24.01 10.84 -30.34
N GLU E 75 25.05 11.65 -30.51
CA GLU E 75 25.43 12.58 -29.46
C GLU E 75 24.33 13.61 -29.15
N THR E 76 23.55 14.02 -30.15
CA THR E 76 22.68 15.17 -29.99
C THR E 76 21.18 14.86 -29.87
N ASP E 77 20.71 13.67 -30.23
CA ASP E 77 19.27 13.44 -30.10
C ASP E 77 18.90 12.96 -28.71
N THR E 78 17.74 13.41 -28.26
CA THR E 78 17.20 13.10 -26.97
C THR E 78 16.00 12.19 -27.19
N TYR E 79 15.85 11.20 -26.31
CA TYR E 79 14.76 10.25 -26.37
C TYR E 79 14.04 10.29 -25.03
N ALA E 80 12.74 10.04 -25.06
CA ALA E 80 11.97 10.05 -23.83
C ALA E 80 10.76 9.15 -24.00
N CYS E 81 10.14 8.82 -22.88
CA CYS E 81 8.89 8.07 -22.86
C CYS E 81 7.93 8.87 -22.00
N ARG E 82 6.70 9.07 -22.49
CA ARG E 82 5.71 9.87 -21.78
C ARG E 82 4.52 8.98 -21.45
N VAL E 83 4.08 9.03 -20.20
CA VAL E 83 3.07 8.10 -19.69
C VAL E 83 1.95 8.90 -19.06
N LYS E 84 0.71 8.58 -19.42
CA LYS E 84 -0.49 9.22 -18.89
C LYS E 84 -1.28 8.15 -18.14
N HIS E 85 -1.53 8.40 -16.86
CA HIS E 85 -2.27 7.47 -16.01
C HIS E 85 -3.23 8.31 -15.18
N ALA E 86 -4.37 7.74 -14.82
CA ALA E 86 -5.37 8.54 -14.09
C ALA E 86 -4.91 8.94 -12.70
N SER E 87 -3.81 8.37 -12.19
CA SER E 87 -3.28 8.72 -10.88
C SER E 87 -2.54 10.05 -10.86
N MET E 88 -2.21 10.61 -12.02
CA MET E 88 -1.48 11.88 -12.08
C MET E 88 -2.30 12.87 -12.91
N ALA E 89 -2.21 14.13 -12.50
CA ALA E 89 -2.89 15.19 -13.25
C ALA E 89 -2.17 15.46 -14.56
N GLU E 90 -0.93 15.52 -14.53
CA GLU E 90 0.05 15.69 -15.58
C GLU E 90 0.53 14.33 -16.08
N PRO E 91 0.78 14.17 -17.37
CA PRO E 91 1.57 13.03 -17.81
C PRO E 91 2.98 13.14 -17.24
N LYS E 92 3.67 12.00 -17.17
CA LYS E 92 5.04 11.97 -16.70
C LYS E 92 5.95 11.64 -17.88
N THR E 93 6.95 12.48 -18.11
CA THR E 93 7.94 12.28 -19.14
C THR E 93 9.26 11.90 -18.49
N VAL E 94 9.87 10.82 -18.97
CA VAL E 94 11.18 10.40 -18.48
C VAL E 94 12.11 10.41 -19.69
N TYR E 95 13.25 11.12 -19.57
CA TYR E 95 14.20 11.24 -20.66
C TYR E 95 15.24 10.15 -20.54
N TRP E 96 15.66 9.61 -21.69
CA TRP E 96 16.68 8.56 -21.71
C TRP E 96 18.02 9.13 -21.28
N ASP E 97 18.67 8.43 -20.33
CA ASP E 97 20.01 8.78 -19.88
C ASP E 97 20.86 7.56 -20.19
N ARG E 98 21.83 7.68 -21.10
CA ARG E 98 22.57 6.49 -21.53
C ARG E 98 23.41 5.83 -20.44
N ASP E 99 23.60 6.46 -19.27
CA ASP E 99 24.30 5.74 -18.22
C ASP E 99 23.36 5.17 -17.16
N MET E 100 22.07 5.05 -17.46
CA MET E 100 21.13 4.51 -16.47
C MET E 100 20.25 3.39 -16.98
N ILE F 1 -1.82 -26.25 -18.05
CA ILE F 1 -3.18 -25.86 -18.35
C ILE F 1 -3.67 -24.94 -17.23
N GLY F 2 -4.68 -24.13 -17.49
CA GLY F 2 -5.06 -23.07 -16.57
C GLY F 2 -6.20 -23.44 -15.63
N PRO F 3 -6.43 -22.60 -14.62
CA PRO F 3 -7.52 -22.85 -13.67
C PRO F 3 -8.88 -22.38 -14.15
N GLY F 4 -9.92 -23.08 -13.69
CA GLY F 4 -11.29 -22.74 -14.00
C GLY F 4 -12.04 -22.28 -12.76
N ARG F 5 -12.92 -21.31 -12.94
CA ARG F 5 -13.65 -20.79 -11.81
C ARG F 5 -14.95 -21.60 -11.66
N ALA F 6 -15.18 -22.09 -10.45
CA ALA F 6 -16.37 -22.88 -10.15
C ALA F 6 -17.30 -22.20 -9.18
N PHE F 7 -16.83 -21.23 -8.39
CA PHE F 7 -17.68 -20.61 -7.41
C PHE F 7 -17.62 -19.09 -7.54
N TYR F 8 -18.78 -18.46 -7.41
CA TYR F 8 -18.87 -17.01 -7.50
C TYR F 8 -18.46 -16.36 -6.19
N THR F 9 -17.94 -15.13 -6.26
CA THR F 9 -17.62 -14.40 -5.05
C THR F 9 -18.91 -14.04 -4.30
#